data_1Y50
# 
_entry.id   1Y50 
# 
_audit_conform.dict_name       mmcif_pdbx.dic 
_audit_conform.dict_version    5.389 
_audit_conform.dict_location   http://mmcif.pdb.org/dictionaries/ascii/mmcif_pdbx.dic 
# 
loop_
_database_2.database_id 
_database_2.database_code 
_database_2.pdbx_database_accession 
_database_2.pdbx_DOI 
PDB   1Y50         pdb_00001y50 10.2210/pdb1y50/pdb 
RCSB  RCSB031123   ?            ?                   
WWPDB D_1000031123 ?            ?                   
# 
loop_
_pdbx_audit_revision_history.ordinal 
_pdbx_audit_revision_history.data_content_type 
_pdbx_audit_revision_history.major_revision 
_pdbx_audit_revision_history.minor_revision 
_pdbx_audit_revision_history.revision_date 
1 'Structure model' 1 0 2005-02-22 
2 'Structure model' 1 1 2008-04-30 
3 'Structure model' 1 2 2011-07-13 
4 'Structure model' 1 3 2021-10-20 
5 'Structure model' 1 4 2024-02-14 
6 'Structure model' 1 5 2024-04-03 
# 
_pdbx_audit_revision_details.ordinal             1 
_pdbx_audit_revision_details.revision_ordinal    1 
_pdbx_audit_revision_details.data_content_type   'Structure model' 
_pdbx_audit_revision_details.provider            repository 
_pdbx_audit_revision_details.type                'Initial release' 
_pdbx_audit_revision_details.description         ? 
_pdbx_audit_revision_details.details             ? 
# 
loop_
_pdbx_audit_revision_group.ordinal 
_pdbx_audit_revision_group.revision_ordinal 
_pdbx_audit_revision_group.data_content_type 
_pdbx_audit_revision_group.group 
1 2 'Structure model' 'Version format compliance' 
2 3 'Structure model' 'Derived calculations'      
3 3 'Structure model' 'Version format compliance' 
4 4 'Structure model' 'Database references'       
5 4 'Structure model' 'Derived calculations'      
6 5 'Structure model' 'Data collection'           
7 6 'Structure model' 'Refinement description'    
# 
loop_
_pdbx_audit_revision_category.ordinal 
_pdbx_audit_revision_category.revision_ordinal 
_pdbx_audit_revision_category.data_content_type 
_pdbx_audit_revision_category.category 
1 4 'Structure model' database_2                    
2 4 'Structure model' struct_ref_seq_dif            
3 4 'Structure model' struct_site                   
4 5 'Structure model' chem_comp_atom                
5 5 'Structure model' chem_comp_bond                
6 6 'Structure model' pdbx_initial_refinement_model 
# 
loop_
_pdbx_audit_revision_item.ordinal 
_pdbx_audit_revision_item.revision_ordinal 
_pdbx_audit_revision_item.data_content_type 
_pdbx_audit_revision_item.item 
1 4 'Structure model' '_database_2.pdbx_DOI'                
2 4 'Structure model' '_database_2.pdbx_database_accession' 
3 4 'Structure model' '_struct_ref_seq_dif.details'         
4 4 'Structure model' '_struct_site.pdbx_auth_asym_id'      
5 4 'Structure model' '_struct_site.pdbx_auth_comp_id'      
6 4 'Structure model' '_struct_site.pdbx_auth_seq_id'       
# 
_pdbx_database_status.status_code                     REL 
_pdbx_database_status.entry_id                        1Y50 
_pdbx_database_status.recvd_initial_deposition_date   2004-12-01 
_pdbx_database_status.deposit_site                    RCSB 
_pdbx_database_status.process_site                    RCSB 
_pdbx_database_status.status_code_sf                  REL 
_pdbx_database_status.status_code_mr                  ? 
_pdbx_database_status.SG_entry                        ? 
_pdbx_database_status.pdb_format_compatible           Y 
_pdbx_database_status.status_code_cs                  ? 
_pdbx_database_status.status_code_nmr_data            ? 
_pdbx_database_status.methods_development_category    ? 
# 
_pdbx_database_related.db_name        PDB 
_pdbx_database_related.db_id          1Y4Y 
_pdbx_database_related.details        
'X-ray crystal structure of Bacillus stearothermophilus Histidine phosphocarrier protein (Hpr)' 
_pdbx_database_related.content_type   unspecified 
# 
loop_
_audit_author.name 
_audit_author.pdbx_ordinal 
'Sridharan, S.'     1 
'Razvi, A.'         2 
'Scholtz, J.M.'     3 
'Sacchettini, J.C.' 4 
# 
_citation.id                        primary 
_citation.title                     
'The HPr proteins from the thermophile Bacillus stearothermophilus can form domain-swapped dimers.' 
_citation.journal_abbrev            J.Mol.Biol. 
_citation.journal_volume            346 
_citation.page_first                919 
_citation.page_last                 931 
_citation.year                      2005 
_citation.journal_id_ASTM           JMOBAK 
_citation.country                   UK 
_citation.journal_id_ISSN           0022-2836 
_citation.journal_id_CSD            0070 
_citation.book_publisher            ? 
_citation.pdbx_database_id_PubMed   15713472 
_citation.pdbx_database_id_DOI      10.1016/j.jmb.2004.12.008 
# 
loop_
_citation_author.citation_id 
_citation_author.name 
_citation_author.ordinal 
_citation_author.identifier_ORCID 
primary 'Sridharan, S.'     1 ? 
primary 'Razvi, A.'         2 ? 
primary 'Scholtz, J.M.'     3 ? 
primary 'Sacchettini, J.C.' 4 ? 
# 
loop_
_entity.id 
_entity.type 
_entity.src_method 
_entity.pdbx_description 
_entity.formula_weight 
_entity.pdbx_number_of_molecules 
_entity.pdbx_ec 
_entity.pdbx_mutation 
_entity.pdbx_fragment 
_entity.details 
1 polymer     man 'Phosphocarrier protein HPr' 9215.599 1  ? F29W ? ? 
2 non-polymer syn 'SULFATE ION'                96.063   3  ? ?    ? ? 
3 water       nat water                        18.015   73 ? ?    ? ? 
# 
_entity_name_com.entity_id   1 
_entity_name_com.name        'Histidine-containing protein, histidine phosphocarrier protein' 
# 
_entity_poly.entity_id                      1 
_entity_poly.type                           'polypeptide(L)' 
_entity_poly.nstd_linkage                   no 
_entity_poly.nstd_monomer                   no 
_entity_poly.pdbx_seq_one_letter_code       
;MAEKTFKVVSDSGIHARPATILVQTASKWNSEIQLEYNGKTVNLKSIMGVMSLGIPKGATIKITAEGADAAEAMAALTDT
LAKEGLAE
;
_entity_poly.pdbx_seq_one_letter_code_can   
;MAEKTFKVVSDSGIHARPATILVQTASKWNSEIQLEYNGKTVNLKSIMGVMSLGIPKGATIKITAEGADAAEAMAALTDT
LAKEGLAE
;
_entity_poly.pdbx_strand_id                 A 
_entity_poly.pdbx_target_identifier         ? 
# 
loop_
_pdbx_entity_nonpoly.entity_id 
_pdbx_entity_nonpoly.name 
_pdbx_entity_nonpoly.comp_id 
2 'SULFATE ION' SO4 
3 water         HOH 
# 
loop_
_entity_poly_seq.entity_id 
_entity_poly_seq.num 
_entity_poly_seq.mon_id 
_entity_poly_seq.hetero 
1 1  MET n 
1 2  ALA n 
1 3  GLU n 
1 4  LYS n 
1 5  THR n 
1 6  PHE n 
1 7  LYS n 
1 8  VAL n 
1 9  VAL n 
1 10 SER n 
1 11 ASP n 
1 12 SER n 
1 13 GLY n 
1 14 ILE n 
1 15 HIS n 
1 16 ALA n 
1 17 ARG n 
1 18 PRO n 
1 19 ALA n 
1 20 THR n 
1 21 ILE n 
1 22 LEU n 
1 23 VAL n 
1 24 GLN n 
1 25 THR n 
1 26 ALA n 
1 27 SER n 
1 28 LYS n 
1 29 TRP n 
1 30 ASN n 
1 31 SER n 
1 32 GLU n 
1 33 ILE n 
1 34 GLN n 
1 35 LEU n 
1 36 GLU n 
1 37 TYR n 
1 38 ASN n 
1 39 GLY n 
1 40 LYS n 
1 41 THR n 
1 42 VAL n 
1 43 ASN n 
1 44 LEU n 
1 45 LYS n 
1 46 SER n 
1 47 ILE n 
1 48 MET n 
1 49 GLY n 
1 50 VAL n 
1 51 MET n 
1 52 SER n 
1 53 LEU n 
1 54 GLY n 
1 55 ILE n 
1 56 PRO n 
1 57 LYS n 
1 58 GLY n 
1 59 ALA n 
1 60 THR n 
1 61 ILE n 
1 62 LYS n 
1 63 ILE n 
1 64 THR n 
1 65 ALA n 
1 66 GLU n 
1 67 GLY n 
1 68 ALA n 
1 69 ASP n 
1 70 ALA n 
1 71 ALA n 
1 72 GLU n 
1 73 ALA n 
1 74 MET n 
1 75 ALA n 
1 76 ALA n 
1 77 LEU n 
1 78 THR n 
1 79 ASP n 
1 80 THR n 
1 81 LEU n 
1 82 ALA n 
1 83 LYS n 
1 84 GLU n 
1 85 GLY n 
1 86 LEU n 
1 87 ALA n 
1 88 GLU n 
# 
_entity_src_gen.entity_id                          1 
_entity_src_gen.pdbx_src_id                        1 
_entity_src_gen.pdbx_alt_source_flag               sample 
_entity_src_gen.pdbx_seq_type                      ? 
_entity_src_gen.pdbx_beg_seq_num                   ? 
_entity_src_gen.pdbx_end_seq_num                   ? 
_entity_src_gen.gene_src_common_name               ? 
_entity_src_gen.gene_src_genus                     Geobacillus 
_entity_src_gen.pdbx_gene_src_gene                 ptsH 
_entity_src_gen.gene_src_species                   ? 
_entity_src_gen.gene_src_strain                    ? 
_entity_src_gen.gene_src_tissue                    ? 
_entity_src_gen.gene_src_tissue_fraction           ? 
_entity_src_gen.gene_src_details                   ? 
_entity_src_gen.pdbx_gene_src_fragment             ? 
_entity_src_gen.pdbx_gene_src_scientific_name      'Geobacillus stearothermophilus' 
_entity_src_gen.pdbx_gene_src_ncbi_taxonomy_id     1422 
_entity_src_gen.pdbx_gene_src_variant              ? 
_entity_src_gen.pdbx_gene_src_cell_line            ? 
_entity_src_gen.pdbx_gene_src_atcc                 ? 
_entity_src_gen.pdbx_gene_src_organ                ? 
_entity_src_gen.pdbx_gene_src_organelle            ? 
_entity_src_gen.pdbx_gene_src_cell                 ? 
_entity_src_gen.pdbx_gene_src_cellular_location    ? 
_entity_src_gen.host_org_common_name               ? 
_entity_src_gen.pdbx_host_org_scientific_name      'Escherichia coli' 
_entity_src_gen.pdbx_host_org_ncbi_taxonomy_id     562 
_entity_src_gen.host_org_genus                     Escherichia 
_entity_src_gen.pdbx_host_org_gene                 ? 
_entity_src_gen.pdbx_host_org_organ                ? 
_entity_src_gen.host_org_species                   ? 
_entity_src_gen.pdbx_host_org_tissue               ? 
_entity_src_gen.pdbx_host_org_tissue_fraction      ? 
_entity_src_gen.pdbx_host_org_strain               ES7R 
_entity_src_gen.pdbx_host_org_variant              ? 
_entity_src_gen.pdbx_host_org_cell_line            ? 
_entity_src_gen.pdbx_host_org_atcc                 ? 
_entity_src_gen.pdbx_host_org_culture_collection   ? 
_entity_src_gen.pdbx_host_org_cell                 ? 
_entity_src_gen.pdbx_host_org_organelle            ? 
_entity_src_gen.pdbx_host_org_cellular_location    ? 
_entity_src_gen.pdbx_host_org_vector_type          plasmid 
_entity_src_gen.pdbx_host_org_vector               ? 
_entity_src_gen.host_org_details                   ? 
_entity_src_gen.expression_system_id               ? 
_entity_src_gen.plasmid_name                       ? 
_entity_src_gen.plasmid_details                    ? 
_entity_src_gen.pdbx_description                   ? 
# 
loop_
_chem_comp.id 
_chem_comp.type 
_chem_comp.mon_nstd_flag 
_chem_comp.name 
_chem_comp.pdbx_synonyms 
_chem_comp.formula 
_chem_comp.formula_weight 
ALA 'L-peptide linking' y ALANINE         ? 'C3 H7 N O2'     89.093  
ARG 'L-peptide linking' y ARGININE        ? 'C6 H15 N4 O2 1' 175.209 
ASN 'L-peptide linking' y ASPARAGINE      ? 'C4 H8 N2 O3'    132.118 
ASP 'L-peptide linking' y 'ASPARTIC ACID' ? 'C4 H7 N O4'     133.103 
GLN 'L-peptide linking' y GLUTAMINE       ? 'C5 H10 N2 O3'   146.144 
GLU 'L-peptide linking' y 'GLUTAMIC ACID' ? 'C5 H9 N O4'     147.129 
GLY 'peptide linking'   y GLYCINE         ? 'C2 H5 N O2'     75.067  
HIS 'L-peptide linking' y HISTIDINE       ? 'C6 H10 N3 O2 1' 156.162 
HOH non-polymer         . WATER           ? 'H2 O'           18.015  
ILE 'L-peptide linking' y ISOLEUCINE      ? 'C6 H13 N O2'    131.173 
LEU 'L-peptide linking' y LEUCINE         ? 'C6 H13 N O2'    131.173 
LYS 'L-peptide linking' y LYSINE          ? 'C6 H15 N2 O2 1' 147.195 
MET 'L-peptide linking' y METHIONINE      ? 'C5 H11 N O2 S'  149.211 
PHE 'L-peptide linking' y PHENYLALANINE   ? 'C9 H11 N O2'    165.189 
PRO 'L-peptide linking' y PROLINE         ? 'C5 H9 N O2'     115.130 
SER 'L-peptide linking' y SERINE          ? 'C3 H7 N O3'     105.093 
SO4 non-polymer         . 'SULFATE ION'   ? 'O4 S -2'        96.063  
THR 'L-peptide linking' y THREONINE       ? 'C4 H9 N O3'     119.119 
TRP 'L-peptide linking' y TRYPTOPHAN      ? 'C11 H12 N2 O2'  204.225 
TYR 'L-peptide linking' y TYROSINE        ? 'C9 H11 N O3'    181.189 
VAL 'L-peptide linking' y VALINE          ? 'C5 H11 N O2'    117.146 
# 
loop_
_pdbx_poly_seq_scheme.asym_id 
_pdbx_poly_seq_scheme.entity_id 
_pdbx_poly_seq_scheme.seq_id 
_pdbx_poly_seq_scheme.mon_id 
_pdbx_poly_seq_scheme.ndb_seq_num 
_pdbx_poly_seq_scheme.pdb_seq_num 
_pdbx_poly_seq_scheme.auth_seq_num 
_pdbx_poly_seq_scheme.pdb_mon_id 
_pdbx_poly_seq_scheme.auth_mon_id 
_pdbx_poly_seq_scheme.pdb_strand_id 
_pdbx_poly_seq_scheme.pdb_ins_code 
_pdbx_poly_seq_scheme.hetero 
A 1 1  MET 1  1  ?  ?   ?   A . n 
A 1 2  ALA 2  2  2  ALA ALA A . n 
A 1 3  GLU 3  3  3  GLU GLU A . n 
A 1 4  LYS 4  4  4  LYS LYS A . n 
A 1 5  THR 5  5  5  THR THR A . n 
A 1 6  PHE 6  6  6  PHE PHE A . n 
A 1 7  LYS 7  7  7  LYS LYS A . n 
A 1 8  VAL 8  8  8  VAL VAL A . n 
A 1 9  VAL 9  9  9  VAL VAL A . n 
A 1 10 SER 10 10 10 SER SER A . n 
A 1 11 ASP 11 11 11 ASP ASP A . n 
A 1 12 SER 12 12 12 SER SER A . n 
A 1 13 GLY 13 13 13 GLY GLY A . n 
A 1 14 ILE 14 14 14 ILE ILE A . n 
A 1 15 HIS 15 15 15 HIS HIS A . n 
A 1 16 ALA 16 16 16 ALA ALA A . n 
A 1 17 ARG 17 17 17 ARG ARG A . n 
A 1 18 PRO 18 18 18 PRO PRO A . n 
A 1 19 ALA 19 19 19 ALA ALA A . n 
A 1 20 THR 20 20 20 THR THR A . n 
A 1 21 ILE 21 21 21 ILE ILE A . n 
A 1 22 LEU 22 22 22 LEU LEU A . n 
A 1 23 VAL 23 23 23 VAL VAL A . n 
A 1 24 GLN 24 24 24 GLN GLN A . n 
A 1 25 THR 25 25 25 THR THR A . n 
A 1 26 ALA 26 26 26 ALA ALA A . n 
A 1 27 SER 27 27 27 SER SER A . n 
A 1 28 LYS 28 28 28 LYS LYS A . n 
A 1 29 TRP 29 29 29 TRP TRP A . n 
A 1 30 ASN 30 30 30 ASN ASN A . n 
A 1 31 SER 31 31 31 SER SER A . n 
A 1 32 GLU 32 32 32 GLU GLU A . n 
A 1 33 ILE 33 33 33 ILE ILE A . n 
A 1 34 GLN 34 34 34 GLN GLN A . n 
A 1 35 LEU 35 35 35 LEU LEU A . n 
A 1 36 GLU 36 36 36 GLU GLU A . n 
A 1 37 TYR 37 37 37 TYR TYR A . n 
A 1 38 ASN 38 38 38 ASN ASN A . n 
A 1 39 GLY 39 39 39 GLY GLY A . n 
A 1 40 LYS 40 40 40 LYS LYS A . n 
A 1 41 THR 41 41 41 THR THR A . n 
A 1 42 VAL 42 42 42 VAL VAL A . n 
A 1 43 ASN 43 43 43 ASN ASN A . n 
A 1 44 LEU 44 44 44 LEU LEU A . n 
A 1 45 LYS 45 45 45 LYS LYS A . n 
A 1 46 SER 46 46 46 SER SER A . n 
A 1 47 ILE 47 47 47 ILE ILE A . n 
A 1 48 MET 48 48 48 MET MET A . n 
A 1 49 GLY 49 49 49 GLY GLY A . n 
A 1 50 VAL 50 50 50 VAL VAL A . n 
A 1 51 MET 51 51 51 MET MET A . n 
A 1 52 SER 52 52 52 SER SER A . n 
A 1 53 LEU 53 53 53 LEU LEU A . n 
A 1 54 GLY 54 54 54 GLY GLY A . n 
A 1 55 ILE 55 55 55 ILE ILE A . n 
A 1 56 PRO 56 56 56 PRO PRO A . n 
A 1 57 LYS 57 57 57 LYS LYS A . n 
A 1 58 GLY 58 58 58 GLY GLY A . n 
A 1 59 ALA 59 59 59 ALA ALA A . n 
A 1 60 THR 60 60 60 THR THR A . n 
A 1 61 ILE 61 61 61 ILE ILE A . n 
A 1 62 LYS 62 62 62 LYS LYS A . n 
A 1 63 ILE 63 63 63 ILE ILE A . n 
A 1 64 THR 64 64 64 THR THR A . n 
A 1 65 ALA 65 65 65 ALA ALA A . n 
A 1 66 GLU 66 66 66 GLU GLU A . n 
A 1 67 GLY 67 67 67 GLY GLY A . n 
A 1 68 ALA 68 68 68 ALA ALA A . n 
A 1 69 ASP 69 69 69 ASP ASP A . n 
A 1 70 ALA 70 70 70 ALA ALA A . n 
A 1 71 ALA 71 71 71 ALA ALA A . n 
A 1 72 GLU 72 72 72 GLU GLU A . n 
A 1 73 ALA 73 73 73 ALA ALA A . n 
A 1 74 MET 74 74 74 MET MET A . n 
A 1 75 ALA 75 75 75 ALA ALA A . n 
A 1 76 ALA 76 76 76 ALA ALA A . n 
A 1 77 LEU 77 77 77 LEU LEU A . n 
A 1 78 THR 78 78 78 THR THR A . n 
A 1 79 ASP 79 79 79 ASP ASP A . n 
A 1 80 THR 80 80 80 THR THR A . n 
A 1 81 LEU 81 81 81 LEU LEU A . n 
A 1 82 ALA 82 82 82 ALA ALA A . n 
A 1 83 LYS 83 83 83 LYS LYS A . n 
A 1 84 GLU 84 84 84 GLU GLU A . n 
A 1 85 GLY 85 85 85 GLY GLY A . n 
A 1 86 LEU 86 86 86 LEU LEU A . n 
A 1 87 ALA 87 87 87 ALA ALA A . n 
A 1 88 GLU 88 88 88 GLU GLU A . n 
# 
loop_
_pdbx_nonpoly_scheme.asym_id 
_pdbx_nonpoly_scheme.entity_id 
_pdbx_nonpoly_scheme.mon_id 
_pdbx_nonpoly_scheme.ndb_seq_num 
_pdbx_nonpoly_scheme.pdb_seq_num 
_pdbx_nonpoly_scheme.auth_seq_num 
_pdbx_nonpoly_scheme.pdb_mon_id 
_pdbx_nonpoly_scheme.auth_mon_id 
_pdbx_nonpoly_scheme.pdb_strand_id 
_pdbx_nonpoly_scheme.pdb_ins_code 
B 2 SO4 1  403 403 SO4 SO4 A . 
C 2 SO4 1  404 404 SO4 SO4 A . 
D 2 SO4 1  405 405 SO4 SO4 A . 
E 3 HOH 1  406 1   HOH HOH A . 
E 3 HOH 2  407 2   HOH HOH A . 
E 3 HOH 3  408 5   HOH HOH A . 
E 3 HOH 4  409 7   HOH HOH A . 
E 3 HOH 5  410 8   HOH HOH A . 
E 3 HOH 6  411 10  HOH HOH A . 
E 3 HOH 7  412 12  HOH HOH A . 
E 3 HOH 8  413 13  HOH HOH A . 
E 3 HOH 9  414 14  HOH HOH A . 
E 3 HOH 10 415 15  HOH HOH A . 
E 3 HOH 11 416 17  HOH HOH A . 
E 3 HOH 12 417 18  HOH HOH A . 
E 3 HOH 13 418 19  HOH HOH A . 
E 3 HOH 14 419 20  HOH HOH A . 
E 3 HOH 15 420 21  HOH HOH A . 
E 3 HOH 16 421 22  HOH HOH A . 
E 3 HOH 17 422 23  HOH HOH A . 
E 3 HOH 18 423 24  HOH HOH A . 
E 3 HOH 19 424 25  HOH HOH A . 
E 3 HOH 20 425 26  HOH HOH A . 
E 3 HOH 21 426 27  HOH HOH A . 
E 3 HOH 22 427 28  HOH HOH A . 
E 3 HOH 23 428 29  HOH HOH A . 
E 3 HOH 24 429 30  HOH HOH A . 
E 3 HOH 25 430 31  HOH HOH A . 
E 3 HOH 26 431 32  HOH HOH A . 
E 3 HOH 27 432 33  HOH HOH A . 
E 3 HOH 28 433 35  HOH HOH A . 
E 3 HOH 29 434 37  HOH HOH A . 
E 3 HOH 30 435 38  HOH HOH A . 
E 3 HOH 31 436 39  HOH HOH A . 
E 3 HOH 32 437 40  HOH HOH A . 
E 3 HOH 33 438 41  HOH HOH A . 
E 3 HOH 34 439 42  HOH HOH A . 
E 3 HOH 35 440 43  HOH HOH A . 
E 3 HOH 36 441 44  HOH HOH A . 
E 3 HOH 37 442 45  HOH HOH A . 
E 3 HOH 38 443 46  HOH HOH A . 
E 3 HOH 39 444 47  HOH HOH A . 
E 3 HOH 40 445 48  HOH HOH A . 
E 3 HOH 41 446 49  HOH HOH A . 
E 3 HOH 42 447 50  HOH HOH A . 
E 3 HOH 43 448 51  HOH HOH A . 
E 3 HOH 44 449 52  HOH HOH A . 
E 3 HOH 45 450 53  HOH HOH A . 
E 3 HOH 46 451 54  HOH HOH A . 
E 3 HOH 47 452 55  HOH HOH A . 
E 3 HOH 48 453 56  HOH HOH A . 
E 3 HOH 49 454 57  HOH HOH A . 
E 3 HOH 50 455 58  HOH HOH A . 
E 3 HOH 51 456 59  HOH HOH A . 
E 3 HOH 52 457 60  HOH HOH A . 
E 3 HOH 53 458 61  HOH HOH A . 
E 3 HOH 54 459 62  HOH HOH A . 
E 3 HOH 55 460 63  HOH HOH A . 
E 3 HOH 56 461 64  HOH HOH A . 
E 3 HOH 57 462 65  HOH HOH A . 
E 3 HOH 58 463 66  HOH HOH A . 
E 3 HOH 59 464 67  HOH HOH A . 
E 3 HOH 60 465 68  HOH HOH A . 
E 3 HOH 61 466 70  HOH HOH A . 
E 3 HOH 62 467 71  HOH HOH A . 
E 3 HOH 63 468 72  HOH HOH A . 
E 3 HOH 64 469 73  HOH HOH A . 
E 3 HOH 65 470 74  HOH HOH A . 
E 3 HOH 66 471 75  HOH HOH A . 
E 3 HOH 67 472 76  HOH HOH A . 
E 3 HOH 68 473 77  HOH HOH A . 
E 3 HOH 69 474 78  HOH HOH A . 
E 3 HOH 70 475 79  HOH HOH A . 
E 3 HOH 71 476 80  HOH HOH A . 
E 3 HOH 72 477 81  HOH HOH A . 
E 3 HOH 73 478 82  HOH HOH A . 
# 
loop_
_software.name 
_software.classification 
_software.version 
_software.citation_id 
_software.pdbx_ordinal 
REFMAC    refinement       5.1.24 ? 1 
HKL-2000  'data reduction' .      ? 2 
SCALEPACK 'data scaling'   .      ? 3 
MOLREP    phasing          .      ? 4 
# 
_cell.entry_id           1Y50 
_cell.length_a           34.861 
_cell.length_b           63.454 
_cell.length_c           82.879 
_cell.angle_alpha        90.00 
_cell.angle_beta         90.00 
_cell.angle_gamma        90.00 
_cell.Z_PDB              8 
_cell.pdbx_unique_axis   ? 
# 
_symmetry.entry_id                         1Y50 
_symmetry.space_group_name_H-M             'I 2 2 2' 
_symmetry.pdbx_full_space_group_name_H-M   ? 
_symmetry.cell_setting                     ? 
_symmetry.Int_Tables_number                23 
_symmetry.space_group_name_Hall            ? 
# 
_exptl.entry_id          1Y50 
_exptl.method            'X-RAY DIFFRACTION' 
_exptl.crystals_number   1 
# 
_exptl_crystal.id                    1 
_exptl_crystal.density_meas          ? 
_exptl_crystal.density_Matthews      2.5 
_exptl_crystal.density_percent_sol   51 
_exptl_crystal.description           ? 
_exptl_crystal.F_000                 ? 
_exptl_crystal.preparation           ? 
# 
_exptl_crystal_grow.crystal_id      1 
_exptl_crystal_grow.method          'VAPOR DIFFUSION, HANGING DROP' 
_exptl_crystal_grow.temp            291.0 
_exptl_crystal_grow.temp_details    ? 
_exptl_crystal_grow.pH              6.3 
_exptl_crystal_grow.pdbx_details    '68-74 % ammonium sulfate, pH 6.3, VAPOR DIFFUSION, HANGING DROP, temperature 291.0K' 
_exptl_crystal_grow.pdbx_pH_range   . 
# 
_diffrn.id                     1 
_diffrn.ambient_temp           ? 
_diffrn.ambient_temp_details   ? 
_diffrn.crystal_id             1 
# 
_diffrn_detector.diffrn_id              1 
_diffrn_detector.detector               CCD 
_diffrn_detector.type                   ? 
_diffrn_detector.pdbx_collection_date   ? 
_diffrn_detector.details                ? 
# 
_diffrn_radiation.diffrn_id                        1 
_diffrn_radiation.wavelength_id                    1 
_diffrn_radiation.pdbx_monochromatic_or_laue_m_l   M 
_diffrn_radiation.monochromator                    ? 
_diffrn_radiation.pdbx_diffrn_protocol             'SINGLE WAVELENGTH' 
_diffrn_radiation.pdbx_scattering_type             x-ray 
# 
_diffrn_radiation_wavelength.id           1 
_diffrn_radiation_wavelength.wavelength   . 
_diffrn_radiation_wavelength.wt           1.0 
# 
_diffrn_source.diffrn_id                   1 
_diffrn_source.source                      SYNCHROTRON 
_diffrn_source.type                        'APS BEAMLINE 19-ID' 
_diffrn_source.pdbx_synchrotron_site       APS 
_diffrn_source.pdbx_synchrotron_beamline   19-ID 
_diffrn_source.pdbx_wavelength             ? 
_diffrn_source.pdbx_wavelength_list        ? 
# 
_reflns.entry_id                     1Y50 
_reflns.observed_criterion_sigma_F   ? 
_reflns.observed_criterion_sigma_I   ? 
_reflns.d_resolution_high            2.0 
_reflns.d_resolution_low             50.0 
_reflns.number_all                   6544 
_reflns.number_obs                   6174 
_reflns.percent_possible_obs         94.4 
_reflns.pdbx_Rmerge_I_obs            ? 
_reflns.pdbx_Rsym_value              0.052 
_reflns.pdbx_netI_over_sigmaI        31.6 
_reflns.B_iso_Wilson_estimate        ? 
_reflns.pdbx_redundancy              5.2 
_reflns.R_free_details               ? 
_reflns.limit_h_max                  ? 
_reflns.limit_h_min                  ? 
_reflns.limit_k_max                  ? 
_reflns.limit_k_min                  ? 
_reflns.limit_l_max                  ? 
_reflns.limit_l_min                  ? 
_reflns.observed_criterion_F_max     ? 
_reflns.observed_criterion_F_min     ? 
_reflns.pdbx_chi_squared             ? 
_reflns.pdbx_scaling_rejects         ? 
_reflns.pdbx_ordinal                 1 
_reflns.pdbx_diffrn_id               1 
# 
_reflns_shell.d_res_high             2.0 
_reflns_shell.d_res_low              2.07 
_reflns_shell.percent_possible_all   70.9 
_reflns_shell.Rmerge_I_obs           ? 
_reflns_shell.pdbx_Rsym_value        0.244 
_reflns_shell.meanI_over_sigI_obs    2.0 
_reflns_shell.pdbx_redundancy        2.5 
_reflns_shell.percent_possible_obs   ? 
_reflns_shell.number_unique_all      456 
_reflns_shell.number_measured_all    ? 
_reflns_shell.number_measured_obs    ? 
_reflns_shell.number_unique_obs      ? 
_reflns_shell.pdbx_chi_squared       ? 
_reflns_shell.pdbx_ordinal           1 
_reflns_shell.pdbx_diffrn_id         1 
# 
_refine.entry_id                                 1Y50 
_refine.ls_number_reflns_obs                     5866 
_refine.ls_number_reflns_all                     ? 
_refine.pdbx_ls_sigma_I                          ? 
_refine.pdbx_ls_sigma_F                          ? 
_refine.pdbx_data_cutoff_high_absF               ? 
_refine.pdbx_data_cutoff_low_absF                ? 
_refine.pdbx_data_cutoff_high_rms_absF           ? 
_refine.ls_d_res_low                             25.00 
_refine.ls_d_res_high                            2.00 
_refine.ls_percent_reflns_obs                    94.55 
_refine.ls_R_factor_obs                          0.21931 
_refine.ls_R_factor_all                          ? 
_refine.ls_R_factor_R_work                       0.21518 
_refine.ls_R_factor_R_free                       0.29786 
_refine.ls_R_factor_R_free_error                 ? 
_refine.ls_R_factor_R_free_error_details         ? 
_refine.ls_percent_reflns_R_free                 4.7 
_refine.ls_number_reflns_R_free                  290 
_refine.ls_number_parameters                     ? 
_refine.ls_number_restraints                     ? 
_refine.occupancy_min                            ? 
_refine.occupancy_max                            ? 
_refine.correlation_coeff_Fo_to_Fc               0.952 
_refine.correlation_coeff_Fo_to_Fc_free          0.914 
_refine.B_iso_mean                               48.916 
_refine.aniso_B[1][1]                            -1.71 
_refine.aniso_B[2][2]                            1.84 
_refine.aniso_B[3][3]                            -0.13 
_refine.aniso_B[1][2]                            0.00 
_refine.aniso_B[1][3]                            0.00 
_refine.aniso_B[2][3]                            0.00 
_refine.solvent_model_details                    'BABINET MODEL WITH MASK' 
_refine.solvent_model_param_ksol                 ? 
_refine.solvent_model_param_bsol                 ? 
_refine.pdbx_solvent_vdw_probe_radii             1.40 
_refine.pdbx_solvent_ion_probe_radii             0.80 
_refine.pdbx_solvent_shrinkage_radii             0.80 
_refine.pdbx_ls_cross_valid_method               THROUGHOUT 
_refine.details                                  ? 
_refine.pdbx_starting_model                      'wild-type BstHpr' 
_refine.pdbx_method_to_determine_struct          'MOLECULAR REPLACEMENT' 
_refine.pdbx_isotropic_thermal_model             ? 
_refine.pdbx_stereochemistry_target_values       'MAXIMUM LIKELIHOOD' 
_refine.pdbx_stereochem_target_val_spec_case     ? 
_refine.pdbx_R_Free_selection_details            RANDOM 
_refine.pdbx_overall_ESU_R                       0.223 
_refine.pdbx_overall_ESU_R_Free                  0.218 
_refine.overall_SU_ML                            0.186 
_refine.overall_SU_B                             6.918 
_refine.ls_redundancy_reflns_obs                 ? 
_refine.B_iso_min                                ? 
_refine.B_iso_max                                ? 
_refine.overall_SU_R_Cruickshank_DPI             ? 
_refine.overall_SU_R_free                        ? 
_refine.ls_wR_factor_R_free                      ? 
_refine.ls_wR_factor_R_work                      ? 
_refine.overall_FOM_free_R_set                   ? 
_refine.overall_FOM_work_R_set                   ? 
_refine.pdbx_refine_id                           'X-RAY DIFFRACTION' 
_refine.pdbx_diffrn_id                           1 
_refine.pdbx_TLS_residual_ADP_flag               ? 
_refine.pdbx_overall_phase_error                 ? 
_refine.pdbx_overall_SU_R_free_Cruickshank_DPI   ? 
_refine.pdbx_overall_SU_R_Blow_DPI               ? 
_refine.pdbx_overall_SU_R_free_Blow_DPI          ? 
# 
_refine_hist.pdbx_refine_id                   'X-RAY DIFFRACTION' 
_refine_hist.cycle_id                         LAST 
_refine_hist.pdbx_number_atoms_protein        635 
_refine_hist.pdbx_number_atoms_nucleic_acid   0 
_refine_hist.pdbx_number_atoms_ligand         15 
_refine_hist.number_atoms_solvent             73 
_refine_hist.number_atoms_total               723 
_refine_hist.d_res_high                       2.00 
_refine_hist.d_res_low                        25.00 
# 
loop_
_refine_ls_restr.type 
_refine_ls_restr.dev_ideal 
_refine_ls_restr.dev_ideal_target 
_refine_ls_restr.weight 
_refine_ls_restr.number 
_refine_ls_restr.pdbx_refine_id 
_refine_ls_restr.pdbx_restraint_function 
r_bond_refined_d         0.011 0.022  ? 663 'X-RAY DIFFRACTION' ? 
r_angle_refined_deg      1.388 1.993  ? 895 'X-RAY DIFFRACTION' ? 
r_dihedral_angle_1_deg   5.271 5.000  ? 86  'X-RAY DIFFRACTION' ? 
r_chiral_restr           0.086 0.200  ? 108 'X-RAY DIFFRACTION' ? 
r_gen_planes_refined     0.004 0.020  ? 457 'X-RAY DIFFRACTION' ? 
r_nbd_refined            0.220 0.200  ? 216 'X-RAY DIFFRACTION' ? 
r_xyhbond_nbd_refined    0.111 0.200  ? 20  'X-RAY DIFFRACTION' ? 
r_symmetry_vdw_refined   0.230 0.200  ? 91  'X-RAY DIFFRACTION' ? 
r_symmetry_hbond_refined 0.168 0.200  ? 14  'X-RAY DIFFRACTION' ? 
r_mcbond_it              2.617 5.000  ? 431 'X-RAY DIFFRACTION' ? 
r_mcangle_it             3.862 7.000  ? 688 'X-RAY DIFFRACTION' ? 
r_scbond_it              5.521 9.000  ? 232 'X-RAY DIFFRACTION' ? 
r_scangle_it             7.561 11.000 ? 207 'X-RAY DIFFRACTION' ? 
# 
_refine_ls_shell.pdbx_total_number_of_bins_used   20 
_refine_ls_shell.d_res_high                       2.000 
_refine_ls_shell.d_res_low                        2.052 
_refine_ls_shell.number_reflns_R_work             317 
_refine_ls_shell.R_factor_R_work                  0.284 
_refine_ls_shell.percent_reflns_obs               ? 
_refine_ls_shell.R_factor_R_free                  0.371 
_refine_ls_shell.R_factor_R_free_error            ? 
_refine_ls_shell.percent_reflns_R_free            ? 
_refine_ls_shell.number_reflns_R_free             10 
_refine_ls_shell.number_reflns_obs                ? 
_refine_ls_shell.redundancy_reflns_obs            ? 
_refine_ls_shell.number_reflns_all                ? 
_refine_ls_shell.pdbx_refine_id                   'X-RAY DIFFRACTION' 
_refine_ls_shell.R_factor_all                     ? 
# 
_struct.entry_id                  1Y50 
_struct.title                     
'X-ray crystal structure of Bacillus stearothermophilus Histidine phosphocarrier protein (Hpr) F29W mutant domain_swapped dimer' 
_struct.pdbx_model_details        ? 
_struct.pdbx_CASP_flag            ? 
_struct.pdbx_model_type_details   ? 
# 
_struct_keywords.entry_id        1Y50 
_struct_keywords.pdbx_keywords   'TRANSPORT PROTEIN' 
_struct_keywords.text            'Bacillus stearothermophilus F29W mutant domain-swapped dimer, TRANSPORT PROTEIN' 
# 
loop_
_struct_asym.id 
_struct_asym.pdbx_blank_PDB_chainid_flag 
_struct_asym.pdbx_modified 
_struct_asym.entity_id 
_struct_asym.details 
A N N 1 ? 
B N N 2 ? 
C N N 2 ? 
D N N 2 ? 
E N N 3 ? 
# 
_struct_ref.id                         1 
_struct_ref.db_name                    UNP 
_struct_ref.db_code                    PTHP_BACST 
_struct_ref.pdbx_db_accession          P42013 
_struct_ref.entity_id                  1 
_struct_ref.pdbx_seq_one_letter_code   
;MAEKTFKVVSDSGIHARPATILVQTASKFNSEIQLEYNGKTVNLKSIMGVMSLGIPKGATIKITAEGADAAEAMAALTDT
LAKEGLAE
;
_struct_ref.pdbx_align_begin           1 
_struct_ref.pdbx_db_isoform            ? 
# 
_struct_ref_seq.align_id                      1 
_struct_ref_seq.ref_id                        1 
_struct_ref_seq.pdbx_PDB_id_code              1Y50 
_struct_ref_seq.pdbx_strand_id                A 
_struct_ref_seq.seq_align_beg                 1 
_struct_ref_seq.pdbx_seq_align_beg_ins_code   ? 
_struct_ref_seq.seq_align_end                 88 
_struct_ref_seq.pdbx_seq_align_end_ins_code   ? 
_struct_ref_seq.pdbx_db_accession             P42013 
_struct_ref_seq.db_align_beg                  1 
_struct_ref_seq.pdbx_db_align_beg_ins_code    ? 
_struct_ref_seq.db_align_end                  88 
_struct_ref_seq.pdbx_db_align_end_ins_code    ? 
_struct_ref_seq.pdbx_auth_seq_align_beg       1 
_struct_ref_seq.pdbx_auth_seq_align_end       88 
# 
_struct_ref_seq_dif.align_id                     1 
_struct_ref_seq_dif.pdbx_pdb_id_code             1Y50 
_struct_ref_seq_dif.mon_id                       TRP 
_struct_ref_seq_dif.pdbx_pdb_strand_id           A 
_struct_ref_seq_dif.seq_num                      29 
_struct_ref_seq_dif.pdbx_pdb_ins_code            ? 
_struct_ref_seq_dif.pdbx_seq_db_name             UNP 
_struct_ref_seq_dif.pdbx_seq_db_accession_code   P42013 
_struct_ref_seq_dif.db_mon_id                    PHE 
_struct_ref_seq_dif.pdbx_seq_db_seq_num          29 
_struct_ref_seq_dif.details                      'engineered mutation' 
_struct_ref_seq_dif.pdbx_auth_seq_num            29 
_struct_ref_seq_dif.pdbx_ordinal                 1 
# 
loop_
_pdbx_struct_assembly.id 
_pdbx_struct_assembly.details 
_pdbx_struct_assembly.method_details 
_pdbx_struct_assembly.oligomeric_details 
_pdbx_struct_assembly.oligomeric_count 
1 author_and_software_defined_assembly PISA     dimeric    2 
2 software_defined_assembly            PISA,PQS tetrameric 4 
# 
loop_
_pdbx_struct_assembly_prop.biol_id 
_pdbx_struct_assembly_prop.type 
_pdbx_struct_assembly_prop.value 
_pdbx_struct_assembly_prop.details 
1 'ABSA (A^2)' 7860  ? 
1 MORE         -108  ? 
1 'SSA (A^2)'  8630  ? 
2 'ABSA (A^2)' 18200 ? 
2 MORE         -247  ? 
2 'SSA (A^2)'  14780 ? 
# 
loop_
_pdbx_struct_assembly_gen.assembly_id 
_pdbx_struct_assembly_gen.oper_expression 
_pdbx_struct_assembly_gen.asym_id_list 
1 1,2     A,B,C,D,E 
2 1,3,2,4 A,B,C,D,E 
# 
loop_
_pdbx_struct_oper_list.id 
_pdbx_struct_oper_list.type 
_pdbx_struct_oper_list.name 
_pdbx_struct_oper_list.symmetry_operation 
_pdbx_struct_oper_list.matrix[1][1] 
_pdbx_struct_oper_list.matrix[1][2] 
_pdbx_struct_oper_list.matrix[1][3] 
_pdbx_struct_oper_list.vector[1] 
_pdbx_struct_oper_list.matrix[2][1] 
_pdbx_struct_oper_list.matrix[2][2] 
_pdbx_struct_oper_list.matrix[2][3] 
_pdbx_struct_oper_list.vector[2] 
_pdbx_struct_oper_list.matrix[3][1] 
_pdbx_struct_oper_list.matrix[3][2] 
_pdbx_struct_oper_list.matrix[3][3] 
_pdbx_struct_oper_list.vector[3] 
1 'identity operation'         1_555 x,y,z       1.0000000000  0.0000000000  0.0000000000  0.0000000000   0.0000000000  1.0000000000  0.0000000000  0.0000000000 0.0000000000  0.0000000000  1.0000000000  0.0000000000  
2 'crystal symmetry operation' 3_656 -x+1,y,-z+1 0.9449352328  -0.3252374852 0.0363040507  0.0178055061   -0.3252374852 -0.9456128821 -0.0060708644 0.2867883478 0.0363040507  -0.0060708644 -0.9993223507 1.6153504557  
3 'crystal symmetry operation' 2_665 -x+1,-y+1,z -0.9566381825 0.2711752554  0.1063361114  -21.8168665427 0.2711752554  0.6958703171  0.6650026185  3.1344157939 0.1063361114  0.6650026185  -0.7392321346 0.9032019314  
4 'crystal symmetry operation' 4_566 x,-y+1,-z+1 -0.9882970502 0.0540622298  -0.1426401620 -21.5843599804 0.0540622298  -0.7502574350 -0.6589317541 4.4130239879 -0.1426401620 -0.6589317541 0.7385544852  -0.0983086635 
# 
_struct_biol.id                    1 
_struct_biol.pdbx_parent_biol_id   ? 
_struct_biol.details               ? 
# 
loop_
_struct_conf.conf_type_id 
_struct_conf.id 
_struct_conf.pdbx_PDB_helix_id 
_struct_conf.beg_label_comp_id 
_struct_conf.beg_label_asym_id 
_struct_conf.beg_label_seq_id 
_struct_conf.pdbx_beg_PDB_ins_code 
_struct_conf.end_label_comp_id 
_struct_conf.end_label_asym_id 
_struct_conf.end_label_seq_id 
_struct_conf.pdbx_end_PDB_ins_code 
_struct_conf.beg_auth_comp_id 
_struct_conf.beg_auth_asym_id 
_struct_conf.beg_auth_seq_id 
_struct_conf.end_auth_comp_id 
_struct_conf.end_auth_asym_id 
_struct_conf.end_auth_seq_id 
_struct_conf.pdbx_PDB_helix_class 
_struct_conf.details 
_struct_conf.pdbx_PDB_helix_length 
HELX_P HELX_P1 1 HIS A 15 ? LYS A 28 ? HIS A 15 LYS A 28 1 ? 14 
HELX_P HELX_P2 2 SER A 46 ? MET A 51 ? SER A 46 MET A 51 1 ? 6  
HELX_P HELX_P3 3 ASP A 69 ? GLU A 84 ? ASP A 69 GLU A 84 1 ? 16 
# 
_struct_conf_type.id          HELX_P 
_struct_conf_type.criteria    ? 
_struct_conf_type.reference   ? 
# 
_struct_sheet.id               A 
_struct_sheet.type             ? 
_struct_sheet.number_strands   2 
_struct_sheet.details          ? 
# 
_struct_sheet_order.sheet_id     A 
_struct_sheet_order.range_id_1   1 
_struct_sheet_order.range_id_2   2 
_struct_sheet_order.offset       ? 
_struct_sheet_order.sense        anti-parallel 
# 
loop_
_struct_sheet_range.sheet_id 
_struct_sheet_range.id 
_struct_sheet_range.beg_label_comp_id 
_struct_sheet_range.beg_label_asym_id 
_struct_sheet_range.beg_label_seq_id 
_struct_sheet_range.pdbx_beg_PDB_ins_code 
_struct_sheet_range.end_label_comp_id 
_struct_sheet_range.end_label_asym_id 
_struct_sheet_range.end_label_seq_id 
_struct_sheet_range.pdbx_end_PDB_ins_code 
_struct_sheet_range.beg_auth_comp_id 
_struct_sheet_range.beg_auth_asym_id 
_struct_sheet_range.beg_auth_seq_id 
_struct_sheet_range.end_auth_comp_id 
_struct_sheet_range.end_auth_asym_id 
_struct_sheet_range.end_auth_seq_id 
A 1 GLN A 34 ? TYR A 37 ? GLN A 34 TYR A 37 
A 2 LYS A 40 ? ASN A 43 ? LYS A 40 ASN A 43 
# 
_pdbx_struct_sheet_hbond.sheet_id                A 
_pdbx_struct_sheet_hbond.range_id_1              1 
_pdbx_struct_sheet_hbond.range_id_2              2 
_pdbx_struct_sheet_hbond.range_1_label_atom_id   N 
_pdbx_struct_sheet_hbond.range_1_label_comp_id   TYR 
_pdbx_struct_sheet_hbond.range_1_label_asym_id   A 
_pdbx_struct_sheet_hbond.range_1_label_seq_id    37 
_pdbx_struct_sheet_hbond.range_1_PDB_ins_code    ? 
_pdbx_struct_sheet_hbond.range_1_auth_atom_id    N 
_pdbx_struct_sheet_hbond.range_1_auth_comp_id    TYR 
_pdbx_struct_sheet_hbond.range_1_auth_asym_id    A 
_pdbx_struct_sheet_hbond.range_1_auth_seq_id     37 
_pdbx_struct_sheet_hbond.range_2_label_atom_id   O 
_pdbx_struct_sheet_hbond.range_2_label_comp_id   LYS 
_pdbx_struct_sheet_hbond.range_2_label_asym_id   A 
_pdbx_struct_sheet_hbond.range_2_label_seq_id    40 
_pdbx_struct_sheet_hbond.range_2_PDB_ins_code    ? 
_pdbx_struct_sheet_hbond.range_2_auth_atom_id    O 
_pdbx_struct_sheet_hbond.range_2_auth_comp_id    LYS 
_pdbx_struct_sheet_hbond.range_2_auth_asym_id    A 
_pdbx_struct_sheet_hbond.range_2_auth_seq_id     40 
# 
loop_
_struct_site.id 
_struct_site.pdbx_evidence_code 
_struct_site.pdbx_auth_asym_id 
_struct_site.pdbx_auth_comp_id 
_struct_site.pdbx_auth_seq_id 
_struct_site.pdbx_auth_ins_code 
_struct_site.pdbx_num_residues 
_struct_site.details 
AC1 Software A SO4 403 ? 3 'BINDING SITE FOR RESIDUE SO4 A 403' 
AC2 Software A SO4 404 ? 5 'BINDING SITE FOR RESIDUE SO4 A 404' 
AC3 Software A SO4 405 ? 5 'BINDING SITE FOR RESIDUE SO4 A 405' 
# 
loop_
_struct_site_gen.id 
_struct_site_gen.site_id 
_struct_site_gen.pdbx_num_res 
_struct_site_gen.label_comp_id 
_struct_site_gen.label_asym_id 
_struct_site_gen.label_seq_id 
_struct_site_gen.pdbx_auth_ins_code 
_struct_site_gen.auth_comp_id 
_struct_site_gen.auth_asym_id 
_struct_site_gen.auth_seq_id 
_struct_site_gen.label_atom_id 
_struct_site_gen.label_alt_id 
_struct_site_gen.symmetry 
_struct_site_gen.details 
1  AC1 3 LYS A 4  ? LYS A 4   . ? 1_555 ? 
2  AC1 3 THR A 5  ? THR A 5   . ? 1_555 ? 
3  AC1 3 LYS A 83 ? LYS A 83  . ? 6_655 ? 
4  AC2 5 ARG A 17 ? ARG A 17  . ? 1_555 ? 
5  AC2 5 GLU A 32 ? GLU A 32  . ? 1_455 ? 
6  AC2 5 ASN A 43 ? ASN A 43  . ? 2_665 ? 
7  AC2 5 LYS A 45 ? LYS A 45  . ? 2_665 ? 
8  AC2 5 HOH E .  ? HOH A 430 . ? 2_665 ? 
9  AC3 5 SER A 12 ? SER A 12  . ? 1_555 ? 
10 AC3 5 HIS A 15 ? HIS A 15  . ? 1_555 ? 
11 AC3 5 ARG A 17 ? ARG A 17  . ? 1_555 ? 
12 AC3 5 PRO A 18 ? PRO A 18  . ? 1_555 ? 
13 AC3 5 HOH E .  ? HOH A 412 . ? 1_555 ? 
# 
_pdbx_unobs_or_zero_occ_residues.id               1 
_pdbx_unobs_or_zero_occ_residues.PDB_model_num    1 
_pdbx_unobs_or_zero_occ_residues.polymer_flag     Y 
_pdbx_unobs_or_zero_occ_residues.occupancy_flag   1 
_pdbx_unobs_or_zero_occ_residues.auth_asym_id     A 
_pdbx_unobs_or_zero_occ_residues.auth_comp_id     MET 
_pdbx_unobs_or_zero_occ_residues.auth_seq_id      1 
_pdbx_unobs_or_zero_occ_residues.PDB_ins_code     ? 
_pdbx_unobs_or_zero_occ_residues.label_asym_id    A 
_pdbx_unobs_or_zero_occ_residues.label_comp_id    MET 
_pdbx_unobs_or_zero_occ_residues.label_seq_id     1 
# 
loop_
_chem_comp_atom.comp_id 
_chem_comp_atom.atom_id 
_chem_comp_atom.type_symbol 
_chem_comp_atom.pdbx_aromatic_flag 
_chem_comp_atom.pdbx_stereo_config 
_chem_comp_atom.pdbx_ordinal 
ALA N    N N N 1   
ALA CA   C N S 2   
ALA C    C N N 3   
ALA O    O N N 4   
ALA CB   C N N 5   
ALA OXT  O N N 6   
ALA H    H N N 7   
ALA H2   H N N 8   
ALA HA   H N N 9   
ALA HB1  H N N 10  
ALA HB2  H N N 11  
ALA HB3  H N N 12  
ALA HXT  H N N 13  
ARG N    N N N 14  
ARG CA   C N S 15  
ARG C    C N N 16  
ARG O    O N N 17  
ARG CB   C N N 18  
ARG CG   C N N 19  
ARG CD   C N N 20  
ARG NE   N N N 21  
ARG CZ   C N N 22  
ARG NH1  N N N 23  
ARG NH2  N N N 24  
ARG OXT  O N N 25  
ARG H    H N N 26  
ARG H2   H N N 27  
ARG HA   H N N 28  
ARG HB2  H N N 29  
ARG HB3  H N N 30  
ARG HG2  H N N 31  
ARG HG3  H N N 32  
ARG HD2  H N N 33  
ARG HD3  H N N 34  
ARG HE   H N N 35  
ARG HH11 H N N 36  
ARG HH12 H N N 37  
ARG HH21 H N N 38  
ARG HH22 H N N 39  
ARG HXT  H N N 40  
ASN N    N N N 41  
ASN CA   C N S 42  
ASN C    C N N 43  
ASN O    O N N 44  
ASN CB   C N N 45  
ASN CG   C N N 46  
ASN OD1  O N N 47  
ASN ND2  N N N 48  
ASN OXT  O N N 49  
ASN H    H N N 50  
ASN H2   H N N 51  
ASN HA   H N N 52  
ASN HB2  H N N 53  
ASN HB3  H N N 54  
ASN HD21 H N N 55  
ASN HD22 H N N 56  
ASN HXT  H N N 57  
ASP N    N N N 58  
ASP CA   C N S 59  
ASP C    C N N 60  
ASP O    O N N 61  
ASP CB   C N N 62  
ASP CG   C N N 63  
ASP OD1  O N N 64  
ASP OD2  O N N 65  
ASP OXT  O N N 66  
ASP H    H N N 67  
ASP H2   H N N 68  
ASP HA   H N N 69  
ASP HB2  H N N 70  
ASP HB3  H N N 71  
ASP HD2  H N N 72  
ASP HXT  H N N 73  
GLN N    N N N 74  
GLN CA   C N S 75  
GLN C    C N N 76  
GLN O    O N N 77  
GLN CB   C N N 78  
GLN CG   C N N 79  
GLN CD   C N N 80  
GLN OE1  O N N 81  
GLN NE2  N N N 82  
GLN OXT  O N N 83  
GLN H    H N N 84  
GLN H2   H N N 85  
GLN HA   H N N 86  
GLN HB2  H N N 87  
GLN HB3  H N N 88  
GLN HG2  H N N 89  
GLN HG3  H N N 90  
GLN HE21 H N N 91  
GLN HE22 H N N 92  
GLN HXT  H N N 93  
GLU N    N N N 94  
GLU CA   C N S 95  
GLU C    C N N 96  
GLU O    O N N 97  
GLU CB   C N N 98  
GLU CG   C N N 99  
GLU CD   C N N 100 
GLU OE1  O N N 101 
GLU OE2  O N N 102 
GLU OXT  O N N 103 
GLU H    H N N 104 
GLU H2   H N N 105 
GLU HA   H N N 106 
GLU HB2  H N N 107 
GLU HB3  H N N 108 
GLU HG2  H N N 109 
GLU HG3  H N N 110 
GLU HE2  H N N 111 
GLU HXT  H N N 112 
GLY N    N N N 113 
GLY CA   C N N 114 
GLY C    C N N 115 
GLY O    O N N 116 
GLY OXT  O N N 117 
GLY H    H N N 118 
GLY H2   H N N 119 
GLY HA2  H N N 120 
GLY HA3  H N N 121 
GLY HXT  H N N 122 
HIS N    N N N 123 
HIS CA   C N S 124 
HIS C    C N N 125 
HIS O    O N N 126 
HIS CB   C N N 127 
HIS CG   C Y N 128 
HIS ND1  N Y N 129 
HIS CD2  C Y N 130 
HIS CE1  C Y N 131 
HIS NE2  N Y N 132 
HIS OXT  O N N 133 
HIS H    H N N 134 
HIS H2   H N N 135 
HIS HA   H N N 136 
HIS HB2  H N N 137 
HIS HB3  H N N 138 
HIS HD1  H N N 139 
HIS HD2  H N N 140 
HIS HE1  H N N 141 
HIS HE2  H N N 142 
HIS HXT  H N N 143 
HOH O    O N N 144 
HOH H1   H N N 145 
HOH H2   H N N 146 
ILE N    N N N 147 
ILE CA   C N S 148 
ILE C    C N N 149 
ILE O    O N N 150 
ILE CB   C N S 151 
ILE CG1  C N N 152 
ILE CG2  C N N 153 
ILE CD1  C N N 154 
ILE OXT  O N N 155 
ILE H    H N N 156 
ILE H2   H N N 157 
ILE HA   H N N 158 
ILE HB   H N N 159 
ILE HG12 H N N 160 
ILE HG13 H N N 161 
ILE HG21 H N N 162 
ILE HG22 H N N 163 
ILE HG23 H N N 164 
ILE HD11 H N N 165 
ILE HD12 H N N 166 
ILE HD13 H N N 167 
ILE HXT  H N N 168 
LEU N    N N N 169 
LEU CA   C N S 170 
LEU C    C N N 171 
LEU O    O N N 172 
LEU CB   C N N 173 
LEU CG   C N N 174 
LEU CD1  C N N 175 
LEU CD2  C N N 176 
LEU OXT  O N N 177 
LEU H    H N N 178 
LEU H2   H N N 179 
LEU HA   H N N 180 
LEU HB2  H N N 181 
LEU HB3  H N N 182 
LEU HG   H N N 183 
LEU HD11 H N N 184 
LEU HD12 H N N 185 
LEU HD13 H N N 186 
LEU HD21 H N N 187 
LEU HD22 H N N 188 
LEU HD23 H N N 189 
LEU HXT  H N N 190 
LYS N    N N N 191 
LYS CA   C N S 192 
LYS C    C N N 193 
LYS O    O N N 194 
LYS CB   C N N 195 
LYS CG   C N N 196 
LYS CD   C N N 197 
LYS CE   C N N 198 
LYS NZ   N N N 199 
LYS OXT  O N N 200 
LYS H    H N N 201 
LYS H2   H N N 202 
LYS HA   H N N 203 
LYS HB2  H N N 204 
LYS HB3  H N N 205 
LYS HG2  H N N 206 
LYS HG3  H N N 207 
LYS HD2  H N N 208 
LYS HD3  H N N 209 
LYS HE2  H N N 210 
LYS HE3  H N N 211 
LYS HZ1  H N N 212 
LYS HZ2  H N N 213 
LYS HZ3  H N N 214 
LYS HXT  H N N 215 
MET N    N N N 216 
MET CA   C N S 217 
MET C    C N N 218 
MET O    O N N 219 
MET CB   C N N 220 
MET CG   C N N 221 
MET SD   S N N 222 
MET CE   C N N 223 
MET OXT  O N N 224 
MET H    H N N 225 
MET H2   H N N 226 
MET HA   H N N 227 
MET HB2  H N N 228 
MET HB3  H N N 229 
MET HG2  H N N 230 
MET HG3  H N N 231 
MET HE1  H N N 232 
MET HE2  H N N 233 
MET HE3  H N N 234 
MET HXT  H N N 235 
PHE N    N N N 236 
PHE CA   C N S 237 
PHE C    C N N 238 
PHE O    O N N 239 
PHE CB   C N N 240 
PHE CG   C Y N 241 
PHE CD1  C Y N 242 
PHE CD2  C Y N 243 
PHE CE1  C Y N 244 
PHE CE2  C Y N 245 
PHE CZ   C Y N 246 
PHE OXT  O N N 247 
PHE H    H N N 248 
PHE H2   H N N 249 
PHE HA   H N N 250 
PHE HB2  H N N 251 
PHE HB3  H N N 252 
PHE HD1  H N N 253 
PHE HD2  H N N 254 
PHE HE1  H N N 255 
PHE HE2  H N N 256 
PHE HZ   H N N 257 
PHE HXT  H N N 258 
PRO N    N N N 259 
PRO CA   C N S 260 
PRO C    C N N 261 
PRO O    O N N 262 
PRO CB   C N N 263 
PRO CG   C N N 264 
PRO CD   C N N 265 
PRO OXT  O N N 266 
PRO H    H N N 267 
PRO HA   H N N 268 
PRO HB2  H N N 269 
PRO HB3  H N N 270 
PRO HG2  H N N 271 
PRO HG3  H N N 272 
PRO HD2  H N N 273 
PRO HD3  H N N 274 
PRO HXT  H N N 275 
SER N    N N N 276 
SER CA   C N S 277 
SER C    C N N 278 
SER O    O N N 279 
SER CB   C N N 280 
SER OG   O N N 281 
SER OXT  O N N 282 
SER H    H N N 283 
SER H2   H N N 284 
SER HA   H N N 285 
SER HB2  H N N 286 
SER HB3  H N N 287 
SER HG   H N N 288 
SER HXT  H N N 289 
SO4 S    S N N 290 
SO4 O1   O N N 291 
SO4 O2   O N N 292 
SO4 O3   O N N 293 
SO4 O4   O N N 294 
THR N    N N N 295 
THR CA   C N S 296 
THR C    C N N 297 
THR O    O N N 298 
THR CB   C N R 299 
THR OG1  O N N 300 
THR CG2  C N N 301 
THR OXT  O N N 302 
THR H    H N N 303 
THR H2   H N N 304 
THR HA   H N N 305 
THR HB   H N N 306 
THR HG1  H N N 307 
THR HG21 H N N 308 
THR HG22 H N N 309 
THR HG23 H N N 310 
THR HXT  H N N 311 
TRP N    N N N 312 
TRP CA   C N S 313 
TRP C    C N N 314 
TRP O    O N N 315 
TRP CB   C N N 316 
TRP CG   C Y N 317 
TRP CD1  C Y N 318 
TRP CD2  C Y N 319 
TRP NE1  N Y N 320 
TRP CE2  C Y N 321 
TRP CE3  C Y N 322 
TRP CZ2  C Y N 323 
TRP CZ3  C Y N 324 
TRP CH2  C Y N 325 
TRP OXT  O N N 326 
TRP H    H N N 327 
TRP H2   H N N 328 
TRP HA   H N N 329 
TRP HB2  H N N 330 
TRP HB3  H N N 331 
TRP HD1  H N N 332 
TRP HE1  H N N 333 
TRP HE3  H N N 334 
TRP HZ2  H N N 335 
TRP HZ3  H N N 336 
TRP HH2  H N N 337 
TRP HXT  H N N 338 
TYR N    N N N 339 
TYR CA   C N S 340 
TYR C    C N N 341 
TYR O    O N N 342 
TYR CB   C N N 343 
TYR CG   C Y N 344 
TYR CD1  C Y N 345 
TYR CD2  C Y N 346 
TYR CE1  C Y N 347 
TYR CE2  C Y N 348 
TYR CZ   C Y N 349 
TYR OH   O N N 350 
TYR OXT  O N N 351 
TYR H    H N N 352 
TYR H2   H N N 353 
TYR HA   H N N 354 
TYR HB2  H N N 355 
TYR HB3  H N N 356 
TYR HD1  H N N 357 
TYR HD2  H N N 358 
TYR HE1  H N N 359 
TYR HE2  H N N 360 
TYR HH   H N N 361 
TYR HXT  H N N 362 
VAL N    N N N 363 
VAL CA   C N S 364 
VAL C    C N N 365 
VAL O    O N N 366 
VAL CB   C N N 367 
VAL CG1  C N N 368 
VAL CG2  C N N 369 
VAL OXT  O N N 370 
VAL H    H N N 371 
VAL H2   H N N 372 
VAL HA   H N N 373 
VAL HB   H N N 374 
VAL HG11 H N N 375 
VAL HG12 H N N 376 
VAL HG13 H N N 377 
VAL HG21 H N N 378 
VAL HG22 H N N 379 
VAL HG23 H N N 380 
VAL HXT  H N N 381 
# 
loop_
_chem_comp_bond.comp_id 
_chem_comp_bond.atom_id_1 
_chem_comp_bond.atom_id_2 
_chem_comp_bond.value_order 
_chem_comp_bond.pdbx_aromatic_flag 
_chem_comp_bond.pdbx_stereo_config 
_chem_comp_bond.pdbx_ordinal 
ALA N   CA   sing N N 1   
ALA N   H    sing N N 2   
ALA N   H2   sing N N 3   
ALA CA  C    sing N N 4   
ALA CA  CB   sing N N 5   
ALA CA  HA   sing N N 6   
ALA C   O    doub N N 7   
ALA C   OXT  sing N N 8   
ALA CB  HB1  sing N N 9   
ALA CB  HB2  sing N N 10  
ALA CB  HB3  sing N N 11  
ALA OXT HXT  sing N N 12  
ARG N   CA   sing N N 13  
ARG N   H    sing N N 14  
ARG N   H2   sing N N 15  
ARG CA  C    sing N N 16  
ARG CA  CB   sing N N 17  
ARG CA  HA   sing N N 18  
ARG C   O    doub N N 19  
ARG C   OXT  sing N N 20  
ARG CB  CG   sing N N 21  
ARG CB  HB2  sing N N 22  
ARG CB  HB3  sing N N 23  
ARG CG  CD   sing N N 24  
ARG CG  HG2  sing N N 25  
ARG CG  HG3  sing N N 26  
ARG CD  NE   sing N N 27  
ARG CD  HD2  sing N N 28  
ARG CD  HD3  sing N N 29  
ARG NE  CZ   sing N N 30  
ARG NE  HE   sing N N 31  
ARG CZ  NH1  sing N N 32  
ARG CZ  NH2  doub N N 33  
ARG NH1 HH11 sing N N 34  
ARG NH1 HH12 sing N N 35  
ARG NH2 HH21 sing N N 36  
ARG NH2 HH22 sing N N 37  
ARG OXT HXT  sing N N 38  
ASN N   CA   sing N N 39  
ASN N   H    sing N N 40  
ASN N   H2   sing N N 41  
ASN CA  C    sing N N 42  
ASN CA  CB   sing N N 43  
ASN CA  HA   sing N N 44  
ASN C   O    doub N N 45  
ASN C   OXT  sing N N 46  
ASN CB  CG   sing N N 47  
ASN CB  HB2  sing N N 48  
ASN CB  HB3  sing N N 49  
ASN CG  OD1  doub N N 50  
ASN CG  ND2  sing N N 51  
ASN ND2 HD21 sing N N 52  
ASN ND2 HD22 sing N N 53  
ASN OXT HXT  sing N N 54  
ASP N   CA   sing N N 55  
ASP N   H    sing N N 56  
ASP N   H2   sing N N 57  
ASP CA  C    sing N N 58  
ASP CA  CB   sing N N 59  
ASP CA  HA   sing N N 60  
ASP C   O    doub N N 61  
ASP C   OXT  sing N N 62  
ASP CB  CG   sing N N 63  
ASP CB  HB2  sing N N 64  
ASP CB  HB3  sing N N 65  
ASP CG  OD1  doub N N 66  
ASP CG  OD2  sing N N 67  
ASP OD2 HD2  sing N N 68  
ASP OXT HXT  sing N N 69  
GLN N   CA   sing N N 70  
GLN N   H    sing N N 71  
GLN N   H2   sing N N 72  
GLN CA  C    sing N N 73  
GLN CA  CB   sing N N 74  
GLN CA  HA   sing N N 75  
GLN C   O    doub N N 76  
GLN C   OXT  sing N N 77  
GLN CB  CG   sing N N 78  
GLN CB  HB2  sing N N 79  
GLN CB  HB3  sing N N 80  
GLN CG  CD   sing N N 81  
GLN CG  HG2  sing N N 82  
GLN CG  HG3  sing N N 83  
GLN CD  OE1  doub N N 84  
GLN CD  NE2  sing N N 85  
GLN NE2 HE21 sing N N 86  
GLN NE2 HE22 sing N N 87  
GLN OXT HXT  sing N N 88  
GLU N   CA   sing N N 89  
GLU N   H    sing N N 90  
GLU N   H2   sing N N 91  
GLU CA  C    sing N N 92  
GLU CA  CB   sing N N 93  
GLU CA  HA   sing N N 94  
GLU C   O    doub N N 95  
GLU C   OXT  sing N N 96  
GLU CB  CG   sing N N 97  
GLU CB  HB2  sing N N 98  
GLU CB  HB3  sing N N 99  
GLU CG  CD   sing N N 100 
GLU CG  HG2  sing N N 101 
GLU CG  HG3  sing N N 102 
GLU CD  OE1  doub N N 103 
GLU CD  OE2  sing N N 104 
GLU OE2 HE2  sing N N 105 
GLU OXT HXT  sing N N 106 
GLY N   CA   sing N N 107 
GLY N   H    sing N N 108 
GLY N   H2   sing N N 109 
GLY CA  C    sing N N 110 
GLY CA  HA2  sing N N 111 
GLY CA  HA3  sing N N 112 
GLY C   O    doub N N 113 
GLY C   OXT  sing N N 114 
GLY OXT HXT  sing N N 115 
HIS N   CA   sing N N 116 
HIS N   H    sing N N 117 
HIS N   H2   sing N N 118 
HIS CA  C    sing N N 119 
HIS CA  CB   sing N N 120 
HIS CA  HA   sing N N 121 
HIS C   O    doub N N 122 
HIS C   OXT  sing N N 123 
HIS CB  CG   sing N N 124 
HIS CB  HB2  sing N N 125 
HIS CB  HB3  sing N N 126 
HIS CG  ND1  sing Y N 127 
HIS CG  CD2  doub Y N 128 
HIS ND1 CE1  doub Y N 129 
HIS ND1 HD1  sing N N 130 
HIS CD2 NE2  sing Y N 131 
HIS CD2 HD2  sing N N 132 
HIS CE1 NE2  sing Y N 133 
HIS CE1 HE1  sing N N 134 
HIS NE2 HE2  sing N N 135 
HIS OXT HXT  sing N N 136 
HOH O   H1   sing N N 137 
HOH O   H2   sing N N 138 
ILE N   CA   sing N N 139 
ILE N   H    sing N N 140 
ILE N   H2   sing N N 141 
ILE CA  C    sing N N 142 
ILE CA  CB   sing N N 143 
ILE CA  HA   sing N N 144 
ILE C   O    doub N N 145 
ILE C   OXT  sing N N 146 
ILE CB  CG1  sing N N 147 
ILE CB  CG2  sing N N 148 
ILE CB  HB   sing N N 149 
ILE CG1 CD1  sing N N 150 
ILE CG1 HG12 sing N N 151 
ILE CG1 HG13 sing N N 152 
ILE CG2 HG21 sing N N 153 
ILE CG2 HG22 sing N N 154 
ILE CG2 HG23 sing N N 155 
ILE CD1 HD11 sing N N 156 
ILE CD1 HD12 sing N N 157 
ILE CD1 HD13 sing N N 158 
ILE OXT HXT  sing N N 159 
LEU N   CA   sing N N 160 
LEU N   H    sing N N 161 
LEU N   H2   sing N N 162 
LEU CA  C    sing N N 163 
LEU CA  CB   sing N N 164 
LEU CA  HA   sing N N 165 
LEU C   O    doub N N 166 
LEU C   OXT  sing N N 167 
LEU CB  CG   sing N N 168 
LEU CB  HB2  sing N N 169 
LEU CB  HB3  sing N N 170 
LEU CG  CD1  sing N N 171 
LEU CG  CD2  sing N N 172 
LEU CG  HG   sing N N 173 
LEU CD1 HD11 sing N N 174 
LEU CD1 HD12 sing N N 175 
LEU CD1 HD13 sing N N 176 
LEU CD2 HD21 sing N N 177 
LEU CD2 HD22 sing N N 178 
LEU CD2 HD23 sing N N 179 
LEU OXT HXT  sing N N 180 
LYS N   CA   sing N N 181 
LYS N   H    sing N N 182 
LYS N   H2   sing N N 183 
LYS CA  C    sing N N 184 
LYS CA  CB   sing N N 185 
LYS CA  HA   sing N N 186 
LYS C   O    doub N N 187 
LYS C   OXT  sing N N 188 
LYS CB  CG   sing N N 189 
LYS CB  HB2  sing N N 190 
LYS CB  HB3  sing N N 191 
LYS CG  CD   sing N N 192 
LYS CG  HG2  sing N N 193 
LYS CG  HG3  sing N N 194 
LYS CD  CE   sing N N 195 
LYS CD  HD2  sing N N 196 
LYS CD  HD3  sing N N 197 
LYS CE  NZ   sing N N 198 
LYS CE  HE2  sing N N 199 
LYS CE  HE3  sing N N 200 
LYS NZ  HZ1  sing N N 201 
LYS NZ  HZ2  sing N N 202 
LYS NZ  HZ3  sing N N 203 
LYS OXT HXT  sing N N 204 
MET N   CA   sing N N 205 
MET N   H    sing N N 206 
MET N   H2   sing N N 207 
MET CA  C    sing N N 208 
MET CA  CB   sing N N 209 
MET CA  HA   sing N N 210 
MET C   O    doub N N 211 
MET C   OXT  sing N N 212 
MET CB  CG   sing N N 213 
MET CB  HB2  sing N N 214 
MET CB  HB3  sing N N 215 
MET CG  SD   sing N N 216 
MET CG  HG2  sing N N 217 
MET CG  HG3  sing N N 218 
MET SD  CE   sing N N 219 
MET CE  HE1  sing N N 220 
MET CE  HE2  sing N N 221 
MET CE  HE3  sing N N 222 
MET OXT HXT  sing N N 223 
PHE N   CA   sing N N 224 
PHE N   H    sing N N 225 
PHE N   H2   sing N N 226 
PHE CA  C    sing N N 227 
PHE CA  CB   sing N N 228 
PHE CA  HA   sing N N 229 
PHE C   O    doub N N 230 
PHE C   OXT  sing N N 231 
PHE CB  CG   sing N N 232 
PHE CB  HB2  sing N N 233 
PHE CB  HB3  sing N N 234 
PHE CG  CD1  doub Y N 235 
PHE CG  CD2  sing Y N 236 
PHE CD1 CE1  sing Y N 237 
PHE CD1 HD1  sing N N 238 
PHE CD2 CE2  doub Y N 239 
PHE CD2 HD2  sing N N 240 
PHE CE1 CZ   doub Y N 241 
PHE CE1 HE1  sing N N 242 
PHE CE2 CZ   sing Y N 243 
PHE CE2 HE2  sing N N 244 
PHE CZ  HZ   sing N N 245 
PHE OXT HXT  sing N N 246 
PRO N   CA   sing N N 247 
PRO N   CD   sing N N 248 
PRO N   H    sing N N 249 
PRO CA  C    sing N N 250 
PRO CA  CB   sing N N 251 
PRO CA  HA   sing N N 252 
PRO C   O    doub N N 253 
PRO C   OXT  sing N N 254 
PRO CB  CG   sing N N 255 
PRO CB  HB2  sing N N 256 
PRO CB  HB3  sing N N 257 
PRO CG  CD   sing N N 258 
PRO CG  HG2  sing N N 259 
PRO CG  HG3  sing N N 260 
PRO CD  HD2  sing N N 261 
PRO CD  HD3  sing N N 262 
PRO OXT HXT  sing N N 263 
SER N   CA   sing N N 264 
SER N   H    sing N N 265 
SER N   H2   sing N N 266 
SER CA  C    sing N N 267 
SER CA  CB   sing N N 268 
SER CA  HA   sing N N 269 
SER C   O    doub N N 270 
SER C   OXT  sing N N 271 
SER CB  OG   sing N N 272 
SER CB  HB2  sing N N 273 
SER CB  HB3  sing N N 274 
SER OG  HG   sing N N 275 
SER OXT HXT  sing N N 276 
SO4 S   O1   doub N N 277 
SO4 S   O2   doub N N 278 
SO4 S   O3   sing N N 279 
SO4 S   O4   sing N N 280 
THR N   CA   sing N N 281 
THR N   H    sing N N 282 
THR N   H2   sing N N 283 
THR CA  C    sing N N 284 
THR CA  CB   sing N N 285 
THR CA  HA   sing N N 286 
THR C   O    doub N N 287 
THR C   OXT  sing N N 288 
THR CB  OG1  sing N N 289 
THR CB  CG2  sing N N 290 
THR CB  HB   sing N N 291 
THR OG1 HG1  sing N N 292 
THR CG2 HG21 sing N N 293 
THR CG2 HG22 sing N N 294 
THR CG2 HG23 sing N N 295 
THR OXT HXT  sing N N 296 
TRP N   CA   sing N N 297 
TRP N   H    sing N N 298 
TRP N   H2   sing N N 299 
TRP CA  C    sing N N 300 
TRP CA  CB   sing N N 301 
TRP CA  HA   sing N N 302 
TRP C   O    doub N N 303 
TRP C   OXT  sing N N 304 
TRP CB  CG   sing N N 305 
TRP CB  HB2  sing N N 306 
TRP CB  HB3  sing N N 307 
TRP CG  CD1  doub Y N 308 
TRP CG  CD2  sing Y N 309 
TRP CD1 NE1  sing Y N 310 
TRP CD1 HD1  sing N N 311 
TRP CD2 CE2  doub Y N 312 
TRP CD2 CE3  sing Y N 313 
TRP NE1 CE2  sing Y N 314 
TRP NE1 HE1  sing N N 315 
TRP CE2 CZ2  sing Y N 316 
TRP CE3 CZ3  doub Y N 317 
TRP CE3 HE3  sing N N 318 
TRP CZ2 CH2  doub Y N 319 
TRP CZ2 HZ2  sing N N 320 
TRP CZ3 CH2  sing Y N 321 
TRP CZ3 HZ3  sing N N 322 
TRP CH2 HH2  sing N N 323 
TRP OXT HXT  sing N N 324 
TYR N   CA   sing N N 325 
TYR N   H    sing N N 326 
TYR N   H2   sing N N 327 
TYR CA  C    sing N N 328 
TYR CA  CB   sing N N 329 
TYR CA  HA   sing N N 330 
TYR C   O    doub N N 331 
TYR C   OXT  sing N N 332 
TYR CB  CG   sing N N 333 
TYR CB  HB2  sing N N 334 
TYR CB  HB3  sing N N 335 
TYR CG  CD1  doub Y N 336 
TYR CG  CD2  sing Y N 337 
TYR CD1 CE1  sing Y N 338 
TYR CD1 HD1  sing N N 339 
TYR CD2 CE2  doub Y N 340 
TYR CD2 HD2  sing N N 341 
TYR CE1 CZ   doub Y N 342 
TYR CE1 HE1  sing N N 343 
TYR CE2 CZ   sing Y N 344 
TYR CE2 HE2  sing N N 345 
TYR CZ  OH   sing N N 346 
TYR OH  HH   sing N N 347 
TYR OXT HXT  sing N N 348 
VAL N   CA   sing N N 349 
VAL N   H    sing N N 350 
VAL N   H2   sing N N 351 
VAL CA  C    sing N N 352 
VAL CA  CB   sing N N 353 
VAL CA  HA   sing N N 354 
VAL C   O    doub N N 355 
VAL C   OXT  sing N N 356 
VAL CB  CG1  sing N N 357 
VAL CB  CG2  sing N N 358 
VAL CB  HB   sing N N 359 
VAL CG1 HG11 sing N N 360 
VAL CG1 HG12 sing N N 361 
VAL CG1 HG13 sing N N 362 
VAL CG2 HG21 sing N N 363 
VAL CG2 HG22 sing N N 364 
VAL CG2 HG23 sing N N 365 
VAL OXT HXT  sing N N 366 
# 
_pdbx_initial_refinement_model.accession_code   ? 
_pdbx_initial_refinement_model.id               1 
_pdbx_initial_refinement_model.entity_id_list   ? 
_pdbx_initial_refinement_model.type             'experimental model' 
_pdbx_initial_refinement_model.source_name      Other 
_pdbx_initial_refinement_model.details          'wild-type BstHpr' 
# 
_atom_sites.entry_id                    1Y50 
_atom_sites.fract_transf_matrix[1][1]   0.00219426 
_atom_sites.fract_transf_matrix[1][2]   0.01013646 
_atom_sites.fract_transf_matrix[1][3]   -0.02674447 
_atom_sites.fract_transf_matrix[2][1]   -0.01554054 
_atom_sites.fract_transf_matrix[2][2]   0.00259873 
_atom_sites.fract_transf_matrix[2][3]   -0.00029008 
_atom_sites.fract_transf_matrix[3][1]   0.00177665 
_atom_sites.fract_transf_matrix[3][2]   0.01111078 
_atom_sites.fract_transf_matrix[3][3]   0.00435688 
_atom_sites.fract_transf_vector[1]      0.520122 
_atom_sites.fract_transf_vector[2]      0.326521 
_atom_sites.fract_transf_vector[3]      0.494881 
# 
loop_
_atom_type.symbol 
C 
N 
O 
S 
# 
loop_
_atom_site.group_PDB 
_atom_site.id 
_atom_site.type_symbol 
_atom_site.label_atom_id 
_atom_site.label_alt_id 
_atom_site.label_comp_id 
_atom_site.label_asym_id 
_atom_site.label_entity_id 
_atom_site.label_seq_id 
_atom_site.pdbx_PDB_ins_code 
_atom_site.Cartn_x 
_atom_site.Cartn_y 
_atom_site.Cartn_z 
_atom_site.occupancy 
_atom_site.B_iso_or_equiv 
_atom_site.pdbx_formal_charge 
_atom_site.auth_seq_id 
_atom_site.auth_comp_id 
_atom_site.auth_asym_id 
_atom_site.auth_atom_id 
_atom_site.pdbx_PDB_model_num 
ATOM   1   N N   . ALA A 1 2  ? 6.943   21.205  -10.404 1.00 53.67  ? 2   ALA A N   1 
ATOM   2   C CA  . ALA A 1 2  ? 7.751   20.897  -9.179  1.00 54.21  ? 2   ALA A CA  1 
ATOM   3   C C   . ALA A 1 2  ? 7.632   19.437  -8.740  1.00 51.72  ? 2   ALA A C   1 
ATOM   4   O O   . ALA A 1 2  ? 6.541   18.877  -8.693  1.00 52.82  ? 2   ALA A O   1 
ATOM   5   C CB  . ALA A 1 2  ? 7.364   21.817  -8.032  1.00 52.34  ? 2   ALA A CB  1 
ATOM   6   N N   . GLU A 1 3  ? 8.766   18.859  -8.375  1.00 48.39  ? 3   GLU A N   1 
ATOM   7   C CA  . GLU A 1 3  ? 8.866   17.459  -8.019  1.00 48.23  ? 3   GLU A CA  1 
ATOM   8   C C   . GLU A 1 3  ? 9.851   17.334  -6.884  1.00 45.54  ? 3   GLU A C   1 
ATOM   9   O O   . GLU A 1 3  ? 10.892  17.981  -6.879  1.00 50.00  ? 3   GLU A O   1 
ATOM   10  C CB  . GLU A 1 3  ? 9.361   16.683  -9.231  1.00 50.37  ? 3   GLU A CB  1 
ATOM   11  C CG  . GLU A 1 3  ? 9.485   15.181  -9.079  1.00 60.11  ? 3   GLU A CG  1 
ATOM   12  C CD  . GLU A 1 3  ? 10.057  14.551  -10.336 1.00 69.62  ? 3   GLU A CD  1 
ATOM   13  O OE1 . GLU A 1 3  ? 11.232  14.111  -10.299 1.00 76.27  ? 3   GLU A OE1 1 
ATOM   14  O OE2 . GLU A 1 3  ? 9.339   14.512  -11.368 1.00 68.02  ? 3   GLU A OE2 1 
ATOM   15  N N   . LYS A 1 4  ? 9.525   16.508  -5.907  1.00 41.35  ? 4   LYS A N   1 
ATOM   16  C CA  . LYS A 1 4  ? 10.425  16.280  -4.802  1.00 39.12  ? 4   LYS A CA  1 
ATOM   17  C C   . LYS A 1 4  ? 10.285  14.848  -4.370  1.00 40.52  ? 4   LYS A C   1 
ATOM   18  O O   . LYS A 1 4  ? 9.172   14.315  -4.309  1.00 40.57  ? 4   LYS A O   1 
ATOM   19  C CB  . LYS A 1 4  ? 10.068  17.223  -3.655  1.00 38.60  ? 4   LYS A CB  1 
ATOM   20  C CG  . LYS A 1 4  ? 11.168  17.505  -2.669  1.00 43.65  ? 4   LYS A CG  1 
ATOM   21  C CD  . LYS A 1 4  ? 10.758  18.675  -1.781  1.00 44.13  ? 4   LYS A CD  1 
ATOM   22  C CE  . LYS A 1 4  ? 11.676  18.816  -0.584  1.00 52.17  ? 4   LYS A CE  1 
ATOM   23  N NZ  . LYS A 1 4  ? 12.059  20.260  -0.354  1.00 63.19  ? 4   LYS A NZ  1 
ATOM   24  N N   . THR A 1 5  ? 11.419  14.226  -4.058  1.00 38.55  ? 5   THR A N   1 
ATOM   25  C CA  . THR A 1 5  ? 11.427  12.869  -3.534  1.00 41.71  ? 5   THR A CA  1 
ATOM   26  C C   . THR A 1 5  ? 11.628  12.826  -2.006  1.00 39.74  ? 5   THR A C   1 
ATOM   27  O O   . THR A 1 5  ? 12.535  13.455  -1.461  1.00 41.66  ? 5   THR A O   1 
ATOM   28  C CB  . THR A 1 5  ? 12.505  12.024  -4.280  1.00 42.68  ? 5   THR A CB  1 
ATOM   29  O OG1 . THR A 1 5  ? 12.267  12.099  -5.690  1.00 44.49  ? 5   THR A OG1 1 
ATOM   30  C CG2 . THR A 1 5  ? 12.300  10.571  -4.015  1.00 47.44  ? 5   THR A CG2 1 
ATOM   31  N N   . PHE A 1 6  ? 10.774  12.077  -1.325  1.00 39.33  ? 6   PHE A N   1 
ATOM   32  C CA  . PHE A 1 6  ? 10.908  11.885  0.101   1.00 40.12  ? 6   PHE A CA  1 
ATOM   33  C C   . PHE A 1 6  ? 11.152  10.440  0.446   1.00 40.59  ? 6   PHE A C   1 
ATOM   34  O O   . PHE A 1 6  ? 10.613  9.523   -0.188  1.00 38.25  ? 6   PHE A O   1 
ATOM   35  C CB  . PHE A 1 6  ? 9.643   12.335  0.819   1.00 36.30  ? 6   PHE A CB  1 
ATOM   36  C CG  . PHE A 1 6  ? 9.219   13.725  0.491   1.00 36.60  ? 6   PHE A CG  1 
ATOM   37  C CD1 . PHE A 1 6  ? 8.463   13.982  -0.655  1.00 29.32  ? 6   PHE A CD1 1 
ATOM   38  C CD2 . PHE A 1 6  ? 9.522   14.781  1.358   1.00 36.09  ? 6   PHE A CD2 1 
ATOM   39  C CE1 . PHE A 1 6  ? 8.039   15.274  -0.958  1.00 31.07  ? 6   PHE A CE1 1 
ATOM   40  C CE2 . PHE A 1 6  ? 9.098   16.081  1.073   1.00 34.66  ? 6   PHE A CE2 1 
ATOM   41  C CZ  . PHE A 1 6  ? 8.352   16.337  -0.086  1.00 30.93  ? 6   PHE A CZ  1 
ATOM   42  N N   . LYS A 1 7  ? 11.960  10.239  1.473   1.00 37.68  ? 7   LYS A N   1 
ATOM   43  C CA  . LYS A 1 7  ? 12.090  8.921   2.088   1.00 39.77  ? 7   LYS A CA  1 
ATOM   44  C C   . LYS A 1 7  ? 11.198  8.891   3.316   1.00 37.17  ? 7   LYS A C   1 
ATOM   45  O O   . LYS A 1 7  ? 11.250  9.810   4.111   1.00 34.62  ? 7   LYS A O   1 
ATOM   46  C CB  . LYS A 1 7  ? 13.542  8.664   2.473   1.00 42.00  ? 7   LYS A CB  1 
ATOM   47  C CG  . LYS A 1 7  ? 13.787  7.327   3.102   1.00 48.28  ? 7   LYS A CG  1 
ATOM   48  C CD  . LYS A 1 7  ? 14.335  6.348   2.076   1.00 59.96  ? 7   LYS A CD  1 
ATOM   49  C CE  . LYS A 1 7  ? 15.044  5.181   2.755   1.00 58.49  ? 7   LYS A CE  1 
ATOM   50  N NZ  . LYS A 1 7  ? 15.276  4.019   1.818   1.00 60.35  ? 7   LYS A NZ  1 
ATOM   51  N N   . VAL A 1 8  ? 10.368  7.847   3.448   1.00 37.09  ? 8   VAL A N   1 
ATOM   52  C CA  . VAL A 1 8  ? 9.482   7.660   4.612   1.00 38.31  ? 8   VAL A CA  1 
ATOM   53  C C   . VAL A 1 8  ? 10.266  7.175   5.834   1.00 41.25  ? 8   VAL A C   1 
ATOM   54  O O   . VAL A 1 8  ? 10.978  6.191   5.759   1.00 40.95  ? 8   VAL A O   1 
ATOM   55  C CB  . VAL A 1 8  ? 8.354   6.652   4.293   1.00 37.99  ? 8   VAL A CB  1 
ATOM   56  C CG1 . VAL A 1 8  ? 7.369   6.529   5.472   1.00 40.02  ? 8   VAL A CG1 1 
ATOM   57  C CG2 . VAL A 1 8  ? 7.634   7.047   2.999   1.00 36.67  ? 8   VAL A CG2 1 
ATOM   58  N N   . VAL A 1 9  ? 10.136  7.879   6.954   1.00 42.98  ? 9   VAL A N   1 
ATOM   59  C CA  . VAL A 1 9  ? 10.987  7.608   8.113   1.00 43.73  ? 9   VAL A CA  1 
ATOM   60  C C   . VAL A 1 9  ? 10.228  7.109   9.344   1.00 43.91  ? 9   VAL A C   1 
ATOM   61  O O   . VAL A 1 9  ? 10.826  6.649   10.308  1.00 46.80  ? 9   VAL A O   1 
ATOM   62  C CB  . VAL A 1 9  ? 11.877  8.826   8.464   1.00 44.41  ? 9   VAL A CB  1 
ATOM   63  C CG1 . VAL A 1 9  ? 12.798  9.159   7.321   1.00 42.86  ? 9   VAL A CG1 1 
ATOM   64  C CG2 . VAL A 1 9  ? 11.050  10.053  8.851   1.00 41.15  ? 9   VAL A CG2 1 
ATOM   65  N N   . SER A 1 10 ? 8.904   7.200   9.296   1.00 48.34  ? 10  SER A N   1 
ATOM   66  C CA  . SER A 1 10 ? 8.043   6.802   10.408  1.00 50.64  ? 10  SER A CA  1 
ATOM   67  C C   . SER A 1 10 ? 8.100   5.284   10.617  1.00 51.80  ? 10  SER A C   1 
ATOM   68  O O   . SER A 1 10 ? 7.902   4.526   9.664   1.00 53.46  ? 10  SER A O   1 
ATOM   69  C CB  . SER A 1 10 ? 6.607   7.239   10.086  1.00 48.88  ? 10  SER A CB  1 
ATOM   70  O OG  . SER A 1 10 ? 5.703   6.849   11.101  1.00 49.06  ? 10  SER A OG  1 
ATOM   71  N N   . ASP A 1 11 ? 8.376   4.843   11.847  1.00 57.97  ? 11  ASP A N   1 
ATOM   72  C CA  . ASP A 1 11 ? 8.388   3.401   12.183  1.00 61.51  ? 11  ASP A CA  1 
ATOM   73  C C   . ASP A 1 11 ? 7.107   2.725   11.696  1.00 61.85  ? 11  ASP A C   1 
ATOM   74  O O   . ASP A 1 11 ? 7.140   1.676   11.050  1.00 60.99  ? 11  ASP A O   1 
ATOM   75  C CB  . ASP A 1 11 ? 8.542   3.167   13.697  1.00 64.57  ? 11  ASP A CB  1 
ATOM   76  C CG  . ASP A 1 11 ? 9.617   4.041   14.325  1.00 71.21  ? 11  ASP A CG  1 
ATOM   77  O OD1 . ASP A 1 11 ? 10.653  3.478   14.747  1.00 73.96  ? 11  ASP A OD1 1 
ATOM   78  O OD2 . ASP A 1 11 ? 9.507   5.292   14.441  1.00 74.17  ? 11  ASP A OD2 1 
ATOM   79  N N   . SER A 1 12 ? 5.989   3.377   12.002  1.00 63.70  ? 12  SER A N   1 
ATOM   80  C CA  . SER A 1 12 ? 4.652   2.976   11.578  1.00 62.66  ? 12  SER A CA  1 
ATOM   81  C C   . SER A 1 12 ? 4.449   3.047   10.051  1.00 59.17  ? 12  SER A C   1 
ATOM   82  O O   . SER A 1 12 ? 3.460   2.524   9.531   1.00 60.81  ? 12  SER A O   1 
ATOM   83  C CB  . SER A 1 12 ? 3.633   3.872   12.316  1.00 63.93  ? 12  SER A CB  1 
ATOM   84  O OG  . SER A 1 12 ? 2.309   3.706   11.830  1.00 71.17  ? 12  SER A OG  1 
ATOM   85  N N   . GLY A 1 13 ? 5.389   3.666   9.332   1.00 55.06  ? 13  GLY A N   1 
ATOM   86  C CA  . GLY A 1 13 ? 5.182   4.017   7.931   1.00 46.78  ? 13  GLY A CA  1 
ATOM   87  C C   . GLY A 1 13 ? 4.095   5.087   7.850   1.00 48.80  ? 13  GLY A C   1 
ATOM   88  O O   . GLY A 1 13 ? 3.927   5.876   8.784   1.00 47.72  ? 13  GLY A O   1 
ATOM   89  N N   . ILE A 1 14 ? 3.363   5.122   6.741   1.00 46.02  ? 14  ILE A N   1 
ATOM   90  C CA  . ILE A 1 14 ? 2.216   6.015   6.585   1.00 46.33  ? 14  ILE A CA  1 
ATOM   91  C C   . ILE A 1 14 ? 0.933   5.180   6.434   1.00 46.16  ? 14  ILE A C   1 
ATOM   92  O O   . ILE A 1 14 ? 0.726   4.553   5.396   1.00 48.30  ? 14  ILE A O   1 
ATOM   93  C CB  . ILE A 1 14 ? 2.393   6.977   5.363   1.00 44.89  ? 14  ILE A CB  1 
ATOM   94  C CG1 . ILE A 1 14 ? 3.753   7.682   5.395   1.00 45.04  ? 14  ILE A CG1 1 
ATOM   95  C CG2 . ILE A 1 14 ? 1.228   7.988   5.287   1.00 40.70  ? 14  ILE A CG2 1 
ATOM   96  C CD1 . ILE A 1 14 ? 4.016   8.602   4.174   1.00 44.94  ? 14  ILE A CD1 1 
ATOM   97  N N   . HIS A 1 15 ? 0.106   5.168   7.481   1.00 44.80  ? 15  HIS A N   1 
ATOM   98  C CA  . HIS A 1 15 ? -1.221  4.543   7.459   1.00 45.41  ? 15  HIS A CA  1 
ATOM   99  C C   . HIS A 1 15 ? -2.337  5.545   7.153   1.00 43.66  ? 15  HIS A C   1 
ATOM   100 O O   . HIS A 1 15 ? -2.074  6.689   6.787   1.00 42.17  ? 15  HIS A O   1 
ATOM   101 C CB  . HIS A 1 15 ? -1.513  3.906   8.810   1.00 44.93  ? 15  HIS A CB  1 
ATOM   102 C CG  . HIS A 1 15 ? -0.665  2.723   9.120   1.00 51.35  ? 15  HIS A CG  1 
ATOM   103 N ND1 . HIS A 1 15 ? 0.476   2.808   9.885   1.00 55.22  ? 15  HIS A ND1 1 
ATOM   104 C CD2 . HIS A 1 15 ? -0.798  1.418   8.785   1.00 57.46  ? 15  HIS A CD2 1 
ATOM   105 C CE1 . HIS A 1 15 ? 1.012   1.606   10.004  1.00 56.63  ? 15  HIS A CE1 1 
ATOM   106 N NE2 . HIS A 1 15 ? 0.261   0.746   9.342   1.00 57.60  ? 15  HIS A NE2 1 
ATOM   107 N N   . ALA A 1 16 ? -3.583  5.115   7.354   1.00 44.36  ? 16  ALA A N   1 
ATOM   108 C CA  . ALA A 1 16 ? -4.761  5.914   7.017   1.00 47.30  ? 16  ALA A CA  1 
ATOM   109 C C   . ALA A 1 16 ? -4.833  7.226   7.758   1.00 42.73  ? 16  ALA A C   1 
ATOM   110 O O   . ALA A 1 16 ? -5.165  8.226   7.144   1.00 48.79  ? 16  ALA A O   1 
ATOM   111 C CB  . ALA A 1 16 ? -6.049  5.129   7.226   1.00 47.49  ? 16  ALA A CB  1 
ATOM   112 N N   . ARG A 1 17 ? -4.524  7.235   9.054   1.00 41.34  ? 17  ARG A N   1 
ATOM   113 C CA  . ARG A 1 17 ? -4.596  8.476   9.844   1.00 44.14  ? 17  ARG A CA  1 
ATOM   114 C C   . ARG A 1 17 ? -3.630  9.569   9.329   1.00 43.90  ? 17  ARG A C   1 
ATOM   115 O O   . ARG A 1 17 ? -4.088  10.636  8.929   1.00 45.19  ? 17  ARG A O   1 
ATOM   116 C CB  A ARG A 1 17 ? -4.354  8.165   11.326  0.50 45.56  ? 17  ARG A CB  1 
ATOM   117 C CB  B ARG A 1 17 ? -4.413  8.235   11.355  0.50 45.74  ? 17  ARG A CB  1 
ATOM   118 C CG  A ARG A 1 17 ? -4.989  9.122   12.312  0.50 48.23  ? 17  ARG A CG  1 
ATOM   119 C CG  B ARG A 1 17 ? -4.350  9.527   12.198  0.50 49.46  ? 17  ARG A CG  1 
ATOM   120 C CD  A ARG A 1 17 ? -5.138  8.537   13.719  0.50 51.58  ? 17  ARG A CD  1 
ATOM   121 C CD  B ARG A 1 17 ? -3.205  9.599   13.230  0.50 54.25  ? 17  ARG A CD  1 
ATOM   122 N NE  A ARG A 1 17 ? -6.307  7.662   13.803  0.50 58.90  ? 17  ARG A NE  1 
ATOM   123 N NE  B ARG A 1 17 ? -1.931  10.008  12.631  0.50 54.91  ? 17  ARG A NE  1 
ATOM   124 C CZ  A ARG A 1 17 ? -7.540  8.070   14.104  0.50 56.56  ? 17  ARG A CZ  1 
ATOM   125 C CZ  B ARG A 1 17 ? -1.169  11.019  13.047  0.50 56.96  ? 17  ARG A CZ  1 
ATOM   126 N NH1 A ARG A 1 17 ? -7.779  9.350   14.378  0.50 53.81  ? 17  ARG A NH1 1 
ATOM   127 N NH1 B ARG A 1 17 ? -1.531  11.762  14.088  0.50 61.60  ? 17  ARG A NH1 1 
ATOM   128 N NH2 A ARG A 1 17 ? -8.535  7.192   14.137  0.50 52.61  ? 17  ARG A NH2 1 
ATOM   129 N NH2 B ARG A 1 17 ? -0.032  11.287  12.412  0.50 55.64  ? 17  ARG A NH2 1 
ATOM   130 N N   . PRO A 1 18 ? -2.315  9.339   9.339   1.00 45.16  ? 18  PRO A N   1 
ATOM   131 C CA  . PRO A 1 18 ? -1.400  10.319  8.737   1.00 42.60  ? 18  PRO A CA  1 
ATOM   132 C C   . PRO A 1 18 ? -1.623  10.545  7.244   1.00 37.41  ? 18  PRO A C   1 
ATOM   133 O O   . PRO A 1 18 ? -1.338  11.644  6.794   1.00 40.81  ? 18  PRO A O   1 
ATOM   134 C CB  . PRO A 1 18 ? -0.008  9.719   8.979   1.00 42.30  ? 18  PRO A CB  1 
ATOM   135 C CG  . PRO A 1 18 ? -0.221  8.291   9.342   1.00 45.68  ? 18  PRO A CG  1 
ATOM   136 C CD  . PRO A 1 18 ? -1.584  8.201   9.936   1.00 42.05  ? 18  PRO A CD  1 
ATOM   137 N N   . ALA A 1 19 ? -2.103  9.545   6.497   1.00 41.88  ? 19  ALA A N   1 
ATOM   138 C CA  . ALA A 1 19 ? -2.349  9.711   5.058   1.00 38.96  ? 19  ALA A CA  1 
ATOM   139 C C   . ALA A 1 19 ? -3.533  10.608  4.866   1.00 41.48  ? 19  ALA A C   1 
ATOM   140 O O   . ALA A 1 19 ? -3.691  11.234  3.825   1.00 42.97  ? 19  ALA A O   1 
ATOM   141 C CB  . ALA A 1 19 ? -2.599  8.387   4.388   1.00 41.51  ? 19  ALA A CB  1 
ATOM   142 N N   . THR A 1 20 ? -4.395  10.641  5.869   1.00 43.34  ? 20  THR A N   1 
ATOM   143 C CA  . THR A 1 20 ? -5.545  11.521  5.839   1.00 44.16  ? 20  THR A CA  1 
ATOM   144 C C   . THR A 1 20 ? -5.134  12.984  6.043   1.00 41.36  ? 20  THR A C   1 
ATOM   145 O O   . THR A 1 20 ? -5.665  13.873  5.367   1.00 44.43  ? 20  THR A O   1 
ATOM   146 C CB  . THR A 1 20 ? -6.574  11.050  6.878   1.00 42.54  ? 20  THR A CB  1 
ATOM   147 O OG1 . THR A 1 20 ? -7.179  9.827   6.405   1.00 46.88  ? 20  THR A OG1 1 
ATOM   148 C CG2 . THR A 1 20 ? -7.733  12.035  6.966   1.00 41.72  ? 20  THR A CG2 1 
ATOM   149 N N   . ILE A 1 21 ? -4.190  13.218  6.956   1.00 41.45  ? 21  ILE A N   1 
ATOM   150 C CA  . ILE A 1 21 ? -3.634  14.554  7.209   1.00 41.58  ? 21  ILE A CA  1 
ATOM   151 C C   . ILE A 1 21 ? -2.877  15.065  5.986   1.00 44.66  ? 21  ILE A C   1 
ATOM   152 O O   . ILE A 1 21 ? -3.060  16.217  5.563   1.00 43.98  ? 21  ILE A O   1 
ATOM   153 C CB  . ILE A 1 21 ? -2.697  14.556  8.427   1.00 44.34  ? 21  ILE A CB  1 
ATOM   154 C CG1 . ILE A 1 21 ? -3.443  14.120  9.693   1.00 47.18  ? 21  ILE A CG1 1 
ATOM   155 C CG2 . ILE A 1 21 ? -2.111  15.958  8.642   1.00 44.42  ? 21  ILE A CG2 1 
ATOM   156 C CD1 . ILE A 1 21 ? -2.558  14.044  10.935  1.00 42.32  ? 21  ILE A CD1 1 
ATOM   157 N N   . LEU A 1 22 ? -2.040  14.202  5.410   1.00 40.54  ? 22  LEU A N   1 
ATOM   158 C CA  . LEU A 1 22 ? -1.381  14.506  4.146   1.00 41.93  ? 22  LEU A CA  1 
ATOM   159 C C   . LEU A 1 22 ? -2.357  14.884  3.029   1.00 43.60  ? 22  LEU A C   1 
ATOM   160 O O   . LEU A 1 22 ? -2.191  15.911  2.356   1.00 38.83  ? 22  LEU A O   1 
ATOM   161 C CB  . LEU A 1 22 ? -0.539  13.314  3.687   1.00 37.35  ? 22  LEU A CB  1 
ATOM   162 C CG  . LEU A 1 22 ? 0.443   13.664  2.582   1.00 45.24  ? 22  LEU A CG  1 
ATOM   163 C CD1 . LEU A 1 22 ? 1.391   14.809  3.017   1.00 38.28  ? 22  LEU A CD1 1 
ATOM   164 C CD2 . LEU A 1 22 ? 1.199   12.392  2.152   1.00 41.04  ? 22  LEU A CD2 1 
ATOM   165 N N   . VAL A 1 23 ? -3.356  14.028  2.823   1.00 44.74  ? 23  VAL A N   1 
ATOM   166 C CA  . VAL A 1 23 ? -4.381  14.246  1.814   1.00 42.58  ? 23  VAL A CA  1 
ATOM   167 C C   . VAL A 1 23 ? -5.098  15.567  2.014   1.00 42.27  ? 23  VAL A C   1 
ATOM   168 O O   . VAL A 1 23 ? -5.439  16.238  1.033   1.00 47.99  ? 23  VAL A O   1 
ATOM   169 C CB  . VAL A 1 23 ? -5.411  13.103  1.793   1.00 44.80  ? 23  VAL A CB  1 
ATOM   170 C CG1 . VAL A 1 23 ? -6.808  13.626  1.433   1.00 46.57  ? 23  VAL A CG1 1 
ATOM   171 C CG2 . VAL A 1 23 ? -4.979  12.029  0.814   1.00 42.53  ? 23  VAL A CG2 1 
ATOM   172 N N   . GLN A 1 24 ? -5.328  15.955  3.262   1.00 41.36  ? 24  GLN A N   1 
ATOM   173 C CA  . GLN A 1 24 ? -6.032  17.206  3.490   1.00 47.21  ? 24  GLN A CA  1 
ATOM   174 C C   . GLN A 1 24 ? -5.167  18.468  3.341   1.00 48.16  ? 24  GLN A C   1 
ATOM   175 O O   . GLN A 1 24 ? -5.679  19.536  2.980   1.00 44.60  ? 24  GLN A O   1 
ATOM   176 C CB  . GLN A 1 24 ? -6.845  17.171  4.779   1.00 48.72  ? 24  GLN A CB  1 
ATOM   177 C CG  . GLN A 1 24 ? -8.219  16.465  4.586   1.00 49.22  ? 24  GLN A CG  1 
ATOM   178 C CD  . GLN A 1 24 ? -9.256  17.308  3.824   1.00 58.66  ? 24  GLN A CD  1 
ATOM   179 O OE1 . GLN A 1 24 ? -9.495  17.097  2.617   1.00 51.18  ? 24  GLN A OE1 1 
ATOM   180 N NE2 . GLN A 1 24 ? -9.881  18.258  4.531   1.00 62.61  ? 24  GLN A NE2 1 
ATOM   181 N N   . THR A 1 25 ? -3.862  18.331  3.603   1.00 48.78  ? 25  THR A N   1 
ATOM   182 C CA  . THR A 1 25 ? -2.875  19.365  3.244   1.00 45.59  ? 25  THR A CA  1 
ATOM   183 C C   . THR A 1 25 ? -2.903  19.601  1.724   1.00 41.20  ? 25  THR A C   1 
ATOM   184 O O   . THR A 1 25 ? -3.010  20.736  1.312   1.00 44.90  ? 25  THR A O   1 
ATOM   185 C CB  . THR A 1 25 ? -1.442  19.006  3.736   1.00 47.60  ? 25  THR A CB  1 
ATOM   186 O OG1 . THR A 1 25 ? -1.394  19.006  5.172   1.00 45.98  ? 25  THR A OG1 1 
ATOM   187 C CG2 . THR A 1 25 ? -0.434  20.111  3.347   1.00 42.30  ? 25  THR A CG2 1 
ATOM   188 N N   . ALA A 1 26 ? -2.843  18.533  0.913   1.00 38.65  ? 26  ALA A N   1 
ATOM   189 C CA  . ALA A 1 26 ? -2.907  18.631  -0.551  1.00 43.28  ? 26  ALA A CA  1 
ATOM   190 C C   . ALA A 1 26 ? -4.165  19.332  -1.073  1.00 45.95  ? 26  ALA A C   1 
ATOM   191 O O   . ALA A 1 26 ? -4.090  20.185  -1.959  1.00 42.85  ? 26  ALA A O   1 
ATOM   192 C CB  . ALA A 1 26 ? -2.736  17.252  -1.216  1.00 41.85  ? 26  ALA A CB  1 
ATOM   193 N N   . SER A 1 27 ? -5.309  18.982  -0.488  1.00 48.01  ? 27  SER A N   1 
ATOM   194 C CA  . SER A 1 27 ? -6.630  19.541  -0.831  1.00 47.72  ? 27  SER A CA  1 
ATOM   195 C C   . SER A 1 27 ? -6.791  21.063  -0.623  1.00 51.94  ? 27  SER A C   1 
ATOM   196 O O   . SER A 1 27 ? -7.685  21.678  -1.213  1.00 51.19  ? 27  SER A O   1 
ATOM   197 C CB  . SER A 1 27 ? -7.723  18.804  -0.036  1.00 49.05  ? 27  SER A CB  1 
ATOM   198 O OG  . SER A 1 27 ? -7.985  19.464  1.211   1.00 49.77  ? 27  SER A OG  1 
ATOM   199 N N   . LYS A 1 28 ? -5.948  21.653  0.228   1.00 49.86  ? 28  LYS A N   1 
ATOM   200 C CA  . LYS A 1 28 ? -5.963  23.097  0.489   1.00 50.12  ? 28  LYS A CA  1 
ATOM   201 C C   . LYS A 1 28 ? -5.535  23.934  -0.722  1.00 49.54  ? 28  LYS A C   1 
ATOM   202 O O   . LYS A 1 28 ? -5.663  25.163  -0.709  1.00 54.14  ? 28  LYS A O   1 
ATOM   203 C CB  . LYS A 1 28 ? -5.030  23.431  1.664   1.00 49.96  ? 28  LYS A CB  1 
ATOM   204 C CG  . LYS A 1 28 ? -5.597  23.137  3.023   1.00 57.62  ? 28  LYS A CG  1 
ATOM   205 C CD  . LYS A 1 28 ? -4.636  23.576  4.114   1.00 60.36  ? 28  LYS A CD  1 
ATOM   206 C CE  . LYS A 1 28 ? -4.584  22.547  5.241   1.00 63.68  ? 28  LYS A CE  1 
ATOM   207 N NZ  . LYS A 1 28 ? -3.295  22.605  6.012   1.00 69.44  ? 28  LYS A NZ  1 
ATOM   208 N N   . TRP A 1 29 ? -5.035  23.275  -1.763  1.00 47.11  ? 29  TRP A N   1 
ATOM   209 C CA  . TRP A 1 29 ? -4.331  23.958  -2.838  1.00 48.36  ? 29  TRP A CA  1 
ATOM   210 C C   . TRP A 1 29 ? -4.972  23.640  -4.170  1.00 52.70  ? 29  TRP A C   1 
ATOM   211 O O   . TRP A 1 29 ? -5.492  22.546  -4.379  1.00 55.43  ? 29  TRP A O   1 
ATOM   212 C CB  . TRP A 1 29 ? -2.830  23.579  -2.833  1.00 46.77  ? 29  TRP A CB  1 
ATOM   213 C CG  . TRP A 1 29 ? -2.182  23.867  -1.497  1.00 44.12  ? 29  TRP A CG  1 
ATOM   214 C CD1 . TRP A 1 29 ? -1.808  22.952  -0.546  1.00 48.00  ? 29  TRP A CD1 1 
ATOM   215 C CD2 . TRP A 1 29 ? -1.888  25.157  -0.940  1.00 45.93  ? 29  TRP A CD2 1 
ATOM   216 N NE1 . TRP A 1 29 ? -1.308  23.596  0.563   1.00 42.58  ? 29  TRP A NE1 1 
ATOM   217 C CE2 . TRP A 1 29 ? -1.340  24.948  0.347   1.00 48.30  ? 29  TRP A CE2 1 
ATOM   218 C CE3 . TRP A 1 29 ? -2.031  26.477  -1.399  1.00 47.83  ? 29  TRP A CE3 1 
ATOM   219 C CZ2 . TRP A 1 29 ? -0.922  26.001  1.165   1.00 46.54  ? 29  TRP A CZ2 1 
ATOM   220 C CZ3 . TRP A 1 29 ? -1.623  27.520  -0.581  1.00 39.41  ? 29  TRP A CZ3 1 
ATOM   221 C CH2 . TRP A 1 29 ? -1.074  27.277  0.689   1.00 40.88  ? 29  TRP A CH2 1 
ATOM   222 N N   . ASN A 1 30 ? -4.932  24.595  -5.085  1.00 55.11  ? 30  ASN A N   1 
ATOM   223 C CA  . ASN A 1 30 ? -5.581  24.393  -6.374  1.00 55.51  ? 30  ASN A CA  1 
ATOM   224 C C   . ASN A 1 30 ? -4.730  23.680  -7.425  1.00 53.29  ? 30  ASN A C   1 
ATOM   225 O O   . ASN A 1 30 ? -5.261  23.185  -8.421  1.00 55.78  ? 30  ASN A O   1 
ATOM   226 C CB  . ASN A 1 30 ? -6.133  25.715  -6.898  1.00 56.68  ? 30  ASN A CB  1 
ATOM   227 C CG  . ASN A 1 30 ? -5.099  26.824  -6.896  1.00 62.98  ? 30  ASN A CG  1 
ATOM   228 O OD1 . ASN A 1 30 ? -5.265  27.847  -6.205  1.00 66.76  ? 30  ASN A OD1 1 
ATOM   229 N ND2 . ASN A 1 30 ? -4.025  26.640  -7.678  1.00 62.40  ? 30  ASN A ND2 1 
ATOM   230 N N   . SER A 1 31 ? -3.418  23.601  -7.206  1.00 50.02  ? 31  SER A N   1 
ATOM   231 C CA  . SER A 1 31 ? -2.534  22.931  -8.163  1.00 48.65  ? 31  SER A CA  1 
ATOM   232 C C   . SER A 1 31 ? -2.886  21.458  -8.275  1.00 50.13  ? 31  SER A C   1 
ATOM   233 O O   . SER A 1 31 ? -3.566  20.912  -7.417  1.00 52.99  ? 31  SER A O   1 
ATOM   234 C CB  . SER A 1 31 ? -1.070  23.074  -7.738  1.00 49.09  ? 31  SER A CB  1 
ATOM   235 O OG  . SER A 1 31 ? -0.879  24.314  -7.076  1.00 52.12  ? 31  SER A OG  1 
ATOM   236 N N   . GLU A 1 32 ? -2.427  20.813  -9.338  1.00 53.55  ? 32  GLU A N   1 
ATOM   237 C CA  . GLU A 1 32 ? -2.553  19.372  -9.443  1.00 53.95  ? 32  GLU A CA  1 
ATOM   238 C C   . GLU A 1 32 ? -1.432  18.734  -8.637  1.00 51.83  ? 32  GLU A C   1 
ATOM   239 O O   . GLU A 1 32 ? -0.246  18.950  -8.931  1.00 53.25  ? 32  GLU A O   1 
ATOM   240 C CB  . GLU A 1 32 ? -2.480  18.915  -10.899 1.00 54.91  ? 32  GLU A CB  1 
ATOM   241 C CG  . GLU A 1 32 ? -3.012  17.502  -11.112 1.00 63.91  ? 32  GLU A CG  1 
ATOM   242 C CD  . GLU A 1 32 ? -3.519  17.252  -12.526 1.00 70.52  ? 32  GLU A CD  1 
ATOM   243 O OE1 . GLU A 1 32 ? -2.658  17.068  -13.421 1.00 64.14  ? 32  GLU A OE1 1 
ATOM   244 O OE2 . GLU A 1 32 ? -4.771  17.225  -12.729 1.00 69.63  ? 32  GLU A OE2 1 
ATOM   245 N N   . ILE A 1 33 ? -1.805  17.964  -7.615  1.00 49.50  ? 33  ILE A N   1 
ATOM   246 C CA  . ILE A 1 33 ? -0.810  17.280  -6.793  1.00 44.49  ? 33  ILE A CA  1 
ATOM   247 C C   . ILE A 1 33 ? -0.899  15.765  -6.943  1.00 45.96  ? 33  ILE A C   1 
ATOM   248 O O   . ILE A 1 33 ? -1.953  15.165  -6.747  1.00 46.59  ? 33  ILE A O   1 
ATOM   249 C CB  . ILE A 1 33 ? -0.879  17.726  -5.322  1.00 43.91  ? 33  ILE A CB  1 
ATOM   250 C CG1 . ILE A 1 33 ? -0.830  19.258  -5.243  1.00 46.23  ? 33  ILE A CG1 1 
ATOM   251 C CG2 . ILE A 1 33 ? 0.284   17.094  -4.511  1.00 38.79  ? 33  ILE A CG2 1 
ATOM   252 C CD1 . ILE A 1 33 ? -1.674  19.875  -4.136  1.00 46.28  ? 33  ILE A CD1 1 
ATOM   253 N N   . GLN A 1 34 ? 0.217   15.167  -7.325  1.00 42.57  ? 34  GLN A N   1 
ATOM   254 C CA  . GLN A 1 34 ? 0.290   13.737  -7.534  1.00 44.01  ? 34  GLN A CA  1 
ATOM   255 C C   . GLN A 1 34 ? 1.316   13.142  -6.599  1.00 41.40  ? 34  GLN A C   1 
ATOM   256 O O   . GLN A 1 34 ? 2.288   13.800  -6.222  1.00 41.19  ? 34  GLN A O   1 
ATOM   257 C CB  . GLN A 1 34 ? 0.637   13.415  -8.992  1.00 43.09  ? 34  GLN A CB  1 
ATOM   258 C CG  . GLN A 1 34 ? -0.585  13.472  -9.930  1.00 57.14  ? 34  GLN A CG  1 
ATOM   259 C CD  . GLN A 1 34 ? -0.241  13.730  -11.395 1.00 60.94  ? 34  GLN A CD  1 
ATOM   260 O OE1 . GLN A 1 34 ? 0.848   13.377  -11.858 1.00 69.06  ? 34  GLN A OE1 1 
ATOM   261 N NE2 . GLN A 1 34 ? -1.172  14.341  -12.127 1.00 56.98  ? 34  GLN A NE2 1 
ATOM   262 N N   . LEU A 1 35 ? 1.072   11.901  -6.218  1.00 41.13  ? 35  LEU A N   1 
ATOM   263 C CA  . LEU A 1 35 ? 2.020   11.104  -5.452  1.00 45.60  ? 35  LEU A CA  1 
ATOM   264 C C   . LEU A 1 35 ? 2.323   9.853   -6.246  1.00 44.30  ? 35  LEU A C   1 
ATOM   265 O O   . LEU A 1 35 ? 1.415   9.122   -6.650  1.00 43.25  ? 35  LEU A O   1 
ATOM   266 C CB  . LEU A 1 35 ? 1.449   10.755  -4.074  1.00 41.70  ? 35  LEU A CB  1 
ATOM   267 C CG  . LEU A 1 35 ? 2.167   9.676   -3.255  1.00 51.68  ? 35  LEU A CG  1 
ATOM   268 C CD1 . LEU A 1 35 ? 3.265   10.269  -2.421  1.00 45.80  ? 35  LEU A CD1 1 
ATOM   269 C CD2 . LEU A 1 35 ? 1.177   8.937   -2.360  1.00 49.08  ? 35  LEU A CD2 1 
ATOM   270 N N   . GLU A 1 36 ? 3.606   9.600   -6.466  1.00 44.80  ? 36  GLU A N   1 
ATOM   271 C CA  . GLU A 1 36 ? 4.028   8.463   -7.267  1.00 46.60  ? 36  GLU A CA  1 
ATOM   272 C C   . GLU A 1 36 ? 4.736   7.468   -6.363  1.00 47.13  ? 36  GLU A C   1 
ATOM   273 O O   . GLU A 1 36 ? 5.683   7.814   -5.645  1.00 46.69  ? 36  GLU A O   1 
ATOM   274 C CB  . GLU A 1 36 ? 4.921   8.944   -8.411  1.00 47.37  ? 36  GLU A CB  1 
ATOM   275 C CG  . GLU A 1 36 ? 5.655   7.857   -9.180  1.00 60.37  ? 36  GLU A CG  1 
ATOM   276 C CD  . GLU A 1 36 ? 6.183   8.351   -10.521 1.00 73.42  ? 36  GLU A CD  1 
ATOM   277 O OE1 . GLU A 1 36 ? 6.091   9.576   -10.809 1.00 76.32  ? 36  GLU A OE1 1 
ATOM   278 O OE2 . GLU A 1 36 ? 6.693   7.511   -11.299 1.00 76.01  ? 36  GLU A OE2 1 
ATOM   279 N N   . TYR A 1 37 ? 4.252   6.233   -6.368  1.00 44.39  ? 37  TYR A N   1 
ATOM   280 C CA  . TYR A 1 37 ? 4.852   5.177   -5.559  1.00 47.13  ? 37  TYR A CA  1 
ATOM   281 C C   . TYR A 1 37 ? 4.405   3.796   -6.047  1.00 50.54  ? 37  TYR A C   1 
ATOM   282 O O   . TYR A 1 37 ? 3.279   3.642   -6.532  1.00 52.29  ? 37  TYR A O   1 
ATOM   283 C CB  . TYR A 1 37 ? 4.467   5.360   -4.090  1.00 43.56  ? 37  TYR A CB  1 
ATOM   284 C CG  . TYR A 1 37 ? 4.952   4.253   -3.201  1.00 43.56  ? 37  TYR A CG  1 
ATOM   285 C CD1 . TYR A 1 37 ? 6.318   4.001   -3.058  1.00 39.95  ? 37  TYR A CD1 1 
ATOM   286 C CD2 . TYR A 1 37 ? 4.049   3.442   -2.524  1.00 42.38  ? 37  TYR A CD2 1 
ATOM   287 C CE1 . TYR A 1 37 ? 6.765   2.984   -2.260  1.00 41.70  ? 37  TYR A CE1 1 
ATOM   288 C CE2 . TYR A 1 37 ? 4.489   2.410   -1.706  1.00 38.83  ? 37  TYR A CE2 1 
ATOM   289 C CZ  . TYR A 1 37 ? 5.851   2.190   -1.589  1.00 41.13  ? 37  TYR A CZ  1 
ATOM   290 O OH  . TYR A 1 37 ? 6.308   1.166   -0.815  1.00 39.92  ? 37  TYR A OH  1 
ATOM   291 N N   . ASN A 1 38 ? 5.281   2.801   -5.911  1.00 52.11  ? 38  ASN A N   1 
ATOM   292 C CA  . ASN A 1 38 ? 4.952   1.412   -6.251  1.00 55.37  ? 38  ASN A CA  1 
ATOM   293 C C   . ASN A 1 38 ? 4.388   1.313   -7.669  1.00 56.88  ? 38  ASN A C   1 
ATOM   294 O O   . ASN A 1 38 ? 3.374   0.651   -7.906  1.00 58.12  ? 38  ASN A O   1 
ATOM   295 C CB  . ASN A 1 38 ? 3.979   0.822   -5.209  1.00 50.96  ? 38  ASN A CB  1 
ATOM   296 C CG  . ASN A 1 38 ? 3.970   -0.695  -5.195  1.00 52.61  ? 38  ASN A CG  1 
ATOM   297 O OD1 . ASN A 1 38 ? 4.951   -1.342  -5.569  1.00 53.98  ? 38  ASN A OD1 1 
ATOM   298 N ND2 . ASN A 1 38 ? 2.853   -1.275  -4.749  1.00 42.20  ? 38  ASN A ND2 1 
ATOM   299 N N   . GLY A 1 39 ? 5.039   2.019   -8.598  1.00 57.27  ? 39  GLY A N   1 
ATOM   300 C CA  . GLY A 1 39 ? 4.676   1.990   -10.008 1.00 57.46  ? 39  GLY A CA  1 
ATOM   301 C C   . GLY A 1 39 ? 3.362   2.655   -10.385 1.00 56.23  ? 39  GLY A C   1 
ATOM   302 O O   . GLY A 1 39 ? 2.884   2.499   -11.511 1.00 52.96  ? 39  GLY A O   1 
ATOM   303 N N   . LYS A 1 40 ? 2.799   3.415   -9.447  1.00 55.11  ? 40  LYS A N   1 
ATOM   304 C CA  . LYS A 1 40 ? 1.503   4.056   -9.614  1.00 54.08  ? 40  LYS A CA  1 
ATOM   305 C C   . LYS A 1 40 ? 1.589   5.535   -9.240  1.00 54.28  ? 40  LYS A C   1 
ATOM   306 O O   . LYS A 1 40 ? 2.277   5.915   -8.300  1.00 54.31  ? 40  LYS A O   1 
ATOM   307 C CB  . LYS A 1 40 ? 0.457   3.334   -8.749  1.00 53.97  ? 40  LYS A CB  1 
ATOM   308 C CG  . LYS A 1 40 ? -0.954  3.888   -8.846  1.00 61.62  ? 40  LYS A CG  1 
ATOM   309 C CD  . LYS A 1 40 ? -2.018  2.888   -8.384  1.00 63.21  ? 40  LYS A CD  1 
ATOM   310 C CE  . LYS A 1 40 ? -3.326  3.043   -9.202  1.00 67.48  ? 40  LYS A CE  1 
ATOM   311 N NZ  . LYS A 1 40 ? -4.523  3.403   -8.363  1.00 66.15  ? 40  LYS A NZ  1 
ATOM   312 N N   . THR A 1 41 ? 0.869   6.354   -9.993  1.00 54.42  ? 41  THR A N   1 
ATOM   313 C CA  . THR A 1 41 ? 0.760   7.777   -9.749  1.00 54.90  ? 41  THR A CA  1 
ATOM   314 C C   . THR A 1 41 ? -0.705  8.037   -9.421  1.00 55.36  ? 41  THR A C   1 
ATOM   315 O O   . THR A 1 41 ? -1.594  7.686   -10.205 1.00 56.75  ? 41  THR A O   1 
ATOM   316 C CB  . THR A 1 41 ? 1.206   8.564   -11.007 1.00 54.92  ? 41  THR A CB  1 
ATOM   317 O OG1 . THR A 1 41 ? 2.587   8.284   -11.283 1.00 55.92  ? 41  THR A OG1 1 
ATOM   318 C CG2 . THR A 1 41 ? 1.197   10.060  -10.755 1.00 55.53  ? 41  THR A CG2 1 
ATOM   319 N N   . VAL A 1 42 ? -0.956  8.617   -8.250  1.00 49.98  ? 42  VAL A N   1 
ATOM   320 C CA  . VAL A 1 42 ? -2.315  8.932   -7.821  1.00 48.62  ? 42  VAL A CA  1 
ATOM   321 C C   . VAL A 1 42 ? -2.480  10.415  -7.529  1.00 50.38  ? 42  VAL A C   1 
ATOM   322 O O   . VAL A 1 42 ? -1.499  11.161  -7.464  1.00 46.70  ? 42  VAL A O   1 
ATOM   323 C CB  . VAL A 1 42 ? -2.753  8.101   -6.583  1.00 48.43  ? 42  VAL A CB  1 
ATOM   324 C CG1 . VAL A 1 42 ? -2.914  6.642   -6.947  1.00 48.24  ? 42  VAL A CG1 1 
ATOM   325 C CG2 . VAL A 1 42 ? -1.760  8.250   -5.414  1.00 50.29  ? 42  VAL A CG2 1 
ATOM   326 N N   . ASN A 1 43 ? -3.736  10.828  -7.369  1.00 49.62  ? 43  ASN A N   1 
ATOM   327 C CA  . ASN A 1 43 ? -4.097  12.156  -6.907  1.00 46.09  ? 43  ASN A CA  1 
ATOM   328 C C   . ASN A 1 43 ? -3.889  12.260  -5.393  1.00 46.63  ? 43  ASN A C   1 
ATOM   329 O O   . ASN A 1 43 ? -4.438  11.468  -4.627  1.00 45.27  ? 43  ASN A O   1 
ATOM   330 C CB  . ASN A 1 43 ? -5.553  12.449  -7.304  1.00 49.80  ? 43  ASN A CB  1 
ATOM   331 C CG  . ASN A 1 43 ? -5.928  13.909  -7.158  1.00 51.54  ? 43  ASN A CG  1 
ATOM   332 O OD1 . ASN A 1 43 ? -5.260  14.682  -6.468  1.00 46.31  ? 43  ASN A OD1 1 
ATOM   333 N ND2 . ASN A 1 43 ? -7.030  14.292  -7.793  1.00 53.99  ? 43  ASN A ND2 1 
ATOM   334 N N   . LEU A 1 44 ? -3.088  13.228  -4.950  1.00 42.55  ? 44  LEU A N   1 
ATOM   335 C CA  . LEU A 1 44 ? -2.782  13.316  -3.526  1.00 42.22  ? 44  LEU A CA  1 
ATOM   336 C C   . LEU A 1 44 ? -3.975  13.852  -2.750  1.00 40.03  ? 44  LEU A C   1 
ATOM   337 O O   . LEU A 1 44 ? -4.009  13.742  -1.532  1.00 40.82  ? 44  LEU A O   1 
ATOM   338 C CB  . LEU A 1 44 ? -1.531  14.164  -3.253  1.00 40.48  ? 44  LEU A CB  1 
ATOM   339 C CG  . LEU A 1 44 ? -0.825  14.015  -1.899  1.00 38.26  ? 44  LEU A CG  1 
ATOM   340 C CD1 . LEU A 1 44 ? -0.917  12.615  -1.311  1.00 39.09  ? 44  LEU A CD1 1 
ATOM   341 C CD2 . LEU A 1 44 ? 0.642   14.429  -2.029  1.00 44.47  ? 44  LEU A CD2 1 
ATOM   342 N N   . LYS A 1 45 ? -4.933  14.433  -3.466  1.00 39.41  ? 45  LYS A N   1 
ATOM   343 C CA  . LYS A 1 45 ? -6.186  14.944  -2.894  1.00 44.27  ? 45  LYS A CA  1 
ATOM   344 C C   . LYS A 1 45 ? -7.272  13.862  -2.685  1.00 46.14  ? 45  LYS A C   1 
ATOM   345 O O   . LYS A 1 45 ? -8.342  14.141  -2.129  1.00 48.28  ? 45  LYS A O   1 
ATOM   346 C CB  . LYS A 1 45 ? -6.739  16.057  -3.799  1.00 45.64  ? 45  LYS A CB  1 
ATOM   347 C CG  . LYS A 1 45 ? -5.824  17.270  -3.913  1.00 42.50  ? 45  LYS A CG  1 
ATOM   348 C CD  . LYS A 1 45 ? -6.527  18.452  -4.546  1.00 50.91  ? 45  LYS A CD  1 
ATOM   349 C CE  . LYS A 1 45 ? -5.520  19.436  -5.101  1.00 50.58  ? 45  LYS A CE  1 
ATOM   350 N NZ  . LYS A 1 45 ? -6.188  20.524  -5.863  1.00 62.03  ? 45  LYS A NZ  1 
ATOM   351 N N   . SER A 1 46 ? -6.992  12.643  -3.138  1.00 46.08  ? 46  SER A N   1 
ATOM   352 C CA  . SER A 1 46 ? -7.951  11.529  -3.065  1.00 44.75  ? 46  SER A CA  1 
ATOM   353 C C   . SER A 1 46 ? -7.394  10.442  -2.189  1.00 44.34  ? 46  SER A C   1 
ATOM   354 O O   . SER A 1 46 ? -6.460  9.735   -2.582  1.00 44.79  ? 46  SER A O   1 
ATOM   355 C CB  . SER A 1 46 ? -8.236  10.961  -4.459  1.00 43.65  ? 46  SER A CB  1 
ATOM   356 O OG  . SER A 1 46 ? -8.731  9.625   -4.393  1.00 47.29  ? 46  SER A OG  1 
ATOM   357 N N   . ILE A 1 47 ? -7.963  10.303  -0.999  1.00 45.33  ? 47  ILE A N   1 
ATOM   358 C CA  . ILE A 1 47 ? -7.495  9.294   -0.055  1.00 45.08  ? 47  ILE A CA  1 
ATOM   359 C C   . ILE A 1 47 ? -7.690  7.852   -0.589  1.00 46.39  ? 47  ILE A C   1 
ATOM   360 O O   . ILE A 1 47 ? -6.890  6.970   -0.275  1.00 46.61  ? 47  ILE A O   1 
ATOM   361 C CB  . ILE A 1 47 ? -8.098  9.517   1.361   1.00 44.52  ? 47  ILE A CB  1 
ATOM   362 C CG1 . ILE A 1 47 ? -7.477  8.563   2.391   1.00 53.42  ? 47  ILE A CG1 1 
ATOM   363 C CG2 . ILE A 1 47 ? -9.639  9.394   1.323   1.00 53.11  ? 47  ILE A CG2 1 
ATOM   364 C CD1 . ILE A 1 47 ? -6.010  8.801   2.689   1.00 50.58  ? 47  ILE A CD1 1 
ATOM   365 N N   . MET A 1 48 ? -8.722  7.630   -1.407  1.00 43.54  ? 48  MET A N   1 
ATOM   366 C CA  . MET A 1 48 ? -8.945  6.318   -2.036  1.00 47.64  ? 48  MET A CA  1 
ATOM   367 C C   . MET A 1 48 ? -7.803  6.002   -3.001  1.00 47.94  ? 48  MET A C   1 
ATOM   368 O O   . MET A 1 48 ? -7.357  4.860   -3.071  1.00 52.77  ? 48  MET A O   1 
ATOM   369 C CB  . MET A 1 48 ? -10.299 6.224   -2.765  1.00 45.22  ? 48  MET A CB  1 
ATOM   370 C CG  . MET A 1 48 ? -11.568 6.160   -1.849  1.00 49.80  ? 48  MET A CG  1 
ATOM   371 S SD  . MET A 1 48 ? -11.544 4.805   -0.661  1.00 61.94  ? 48  MET A SD  1 
ATOM   372 C CE  . MET A 1 48 ? -11.028 5.697   0.738   1.00 55.83  ? 48  MET A CE  1 
ATOM   373 N N   . GLY A 1 49 ? -7.334  7.020   -3.726  1.00 49.29  ? 49  GLY A N   1 
ATOM   374 C CA  . GLY A 1 49 ? -6.118  6.921   -4.521  1.00 47.81  ? 49  GLY A CA  1 
ATOM   375 C C   . GLY A 1 49 ? -4.889  6.514   -3.703  1.00 47.01  ? 49  GLY A C   1 
ATOM   376 O O   . GLY A 1 49 ? -4.201  5.546   -4.060  1.00 48.36  ? 49  GLY A O   1 
ATOM   377 N N   . VAL A 1 50 ? -4.619  7.238   -2.614  1.00 40.75  ? 50  VAL A N   1 
ATOM   378 C CA  . VAL A 1 50 ? -3.474  6.948   -1.734  1.00 46.05  ? 50  VAL A CA  1 
ATOM   379 C C   . VAL A 1 50 ? -3.534  5.542   -1.093  1.00 49.83  ? 50  VAL A C   1 
ATOM   380 O O   . VAL A 1 50 ? -2.530  4.824   -1.021  1.00 52.12  ? 50  VAL A O   1 
ATOM   381 C CB  . VAL A 1 50 ? -3.319  8.026   -0.625  1.00 45.40  ? 50  VAL A CB  1 
ATOM   382 C CG1 . VAL A 1 50 ? -2.155  7.700   0.304   1.00 50.21  ? 50  VAL A CG1 1 
ATOM   383 C CG2 . VAL A 1 50 ? -3.136  9.405   -1.237  1.00 49.80  ? 50  VAL A CG2 1 
ATOM   384 N N   . MET A 1 51 ? -4.721  5.156   -0.635  1.00 49.68  ? 51  MET A N   1 
ATOM   385 C CA  . MET A 1 51 ? -4.909  3.875   0.025   1.00 51.39  ? 51  MET A CA  1 
ATOM   386 C C   . MET A 1 51 ? -4.987  2.728   -1.018  1.00 49.78  ? 51  MET A C   1 
ATOM   387 O O   . MET A 1 51 ? -5.270  1.573   -0.691  1.00 52.09  ? 51  MET A O   1 
ATOM   388 C CB  . MET A 1 51 ? -6.164  3.954   0.915   1.00 52.24  ? 51  MET A CB  1 
ATOM   389 C CG  . MET A 1 51 ? -5.944  4.344   2.408   1.00 50.45  ? 51  MET A CG  1 
ATOM   390 S SD  . MET A 1 51 ? -4.390  5.097   2.938   1.00 61.31  ? 51  MET A SD  1 
ATOM   391 C CE  . MET A 1 51 ? -3.617  3.719   3.856   1.00 54.36  ? 51  MET A CE  1 
ATOM   392 N N   . SER A 1 52 ? -4.725  3.060   -2.280  1.00 49.18  ? 52  SER A N   1 
ATOM   393 C CA  . SER A 1 52 ? -4.734  2.074   -3.351  1.00 50.83  ? 52  SER A CA  1 
ATOM   394 C C   . SER A 1 52 ? -3.333  1.817   -3.927  1.00 49.37  ? 52  SER A C   1 
ATOM   395 O O   . SER A 1 52 ? -3.199  1.291   -5.021  1.00 52.84  ? 52  SER A O   1 
ATOM   396 C CB  . SER A 1 52 ? -5.737  2.480   -4.435  1.00 47.65  ? 52  SER A CB  1 
ATOM   397 O OG  . SER A 1 52 ? -5.130  3.238   -5.472  1.00 54.91  ? 52  SER A OG  1 
ATOM   398 N N   . LEU A 1 53 ? -2.288  2.177   -3.188  1.00 43.53  ? 53  LEU A N   1 
ATOM   399 C CA  . LEU A 1 53 ? -0.929  1.992   -3.696  1.00 49.63  ? 53  LEU A CA  1 
ATOM   400 C C   . LEU A 1 53 ? -0.469  0.548   -3.471  1.00 42.45  ? 53  LEU A C   1 
ATOM   401 O O   . LEU A 1 53 ? 0.347   0.023   -4.215  1.00 50.73  ? 53  LEU A O   1 
ATOM   402 C CB  . LEU A 1 53 ? 0.056   3.011   -3.096  1.00 42.31  ? 53  LEU A CB  1 
ATOM   403 C CG  . LEU A 1 53 ? 0.461   4.349   -3.747  1.00 51.78  ? 53  LEU A CG  1 
ATOM   404 C CD1 . LEU A 1 53 ? 0.251   4.503   -5.247  1.00 40.57  ? 53  LEU A CD1 1 
ATOM   405 C CD2 . LEU A 1 53 ? -0.183  5.507   -3.021  1.00 50.64  ? 53  LEU A CD2 1 
ATOM   406 N N   . GLY A 1 54 ? -1.010  -0.093  -2.453  1.00 48.80  ? 54  GLY A N   1 
ATOM   407 C CA  . GLY A 1 54 ? -0.768  -1.511  -2.235  1.00 50.55  ? 54  GLY A CA  1 
ATOM   408 C C   . GLY A 1 54 ? 0.533   -1.861  -1.531  1.00 51.31  ? 54  GLY A C   1 
ATOM   409 O O   . GLY A 1 54 ? 1.168   -1.007  -0.892  1.00 49.91  ? 54  GLY A O   1 
ATOM   410 N N   . ILE A 1 55 ? 0.914   -3.134  -1.648  1.00 47.83  ? 55  ILE A N   1 
ATOM   411 C CA  . ILE A 1 55 ? 2.116   -3.694  -1.026  1.00 44.77  ? 55  ILE A CA  1 
ATOM   412 C C   . ILE A 1 55 ? 3.242   -3.705  -2.065  1.00 45.13  ? 55  ILE A C   1 
ATOM   413 O O   . ILE A 1 55 ? 3.037   -4.168  -3.181  1.00 45.24  ? 55  ILE A O   1 
ATOM   414 C CB  . ILE A 1 55 ? 1.791   -5.118  -0.486  1.00 46.57  ? 55  ILE A CB  1 
ATOM   415 C CG1 . ILE A 1 55 ? 0.627   -5.045  0.501   1.00 42.73  ? 55  ILE A CG1 1 
ATOM   416 C CG2 . ILE A 1 55 ? 3.042   -5.814  0.154   1.00 37.52  ? 55  ILE A CG2 1 
ATOM   417 C CD1 . ILE A 1 55 ? 0.394   -6.308  1.310   1.00 43.22  ? 55  ILE A CD1 1 
ATOM   418 N N   . PRO A 1 56 ? 4.414   -3.157  -1.729  1.00 46.54  ? 56  PRO A N   1 
ATOM   419 C CA  . PRO A 1 56 ? 5.528   -3.037  -2.690  1.00 43.66  ? 56  PRO A CA  1 
ATOM   420 C C   . PRO A 1 56 ? 6.377   -4.294  -2.932  1.00 43.90  ? 56  PRO A C   1 
ATOM   421 O O   . PRO A 1 56 ? 6.425   -5.173  -2.082  1.00 45.55  ? 56  PRO A O   1 
ATOM   422 C CB  . PRO A 1 56 ? 6.413   -1.963  -2.054  1.00 42.90  ? 56  PRO A CB  1 
ATOM   423 C CG  . PRO A 1 56 ? 6.170   -2.119  -0.592  1.00 47.21  ? 56  PRO A CG  1 
ATOM   424 C CD  . PRO A 1 56 ? 4.741   -2.559  -0.422  1.00 47.23  ? 56  PRO A CD  1 
ATOM   425 N N   . LYS A 1 57 ? 7.022   -4.352  -4.099  1.00 45.27  ? 57  LYS A N   1 
ATOM   426 C CA  . LYS A 1 57 ? 8.037   -5.348  -4.415  1.00 45.42  ? 57  LYS A CA  1 
ATOM   427 C C   . LYS A 1 57 ? 9.117   -5.243  -3.364  1.00 48.15  ? 57  LYS A C   1 
ATOM   428 O O   . LYS A 1 57 ? 9.566   -4.140  -3.037  1.00 47.80  ? 57  LYS A O   1 
ATOM   429 C CB  . LYS A 1 57 ? 8.664   -5.090  -5.787  1.00 44.66  ? 57  LYS A CB  1 
ATOM   430 C CG  . LYS A 1 57 ? 9.589   -6.232  -6.287  1.00 47.17  ? 57  LYS A CG  1 
ATOM   431 C CD  . LYS A 1 57 ? 10.093  -5.963  -7.701  1.00 55.32  ? 57  LYS A CD  1 
ATOM   432 C CE  . LYS A 1 57 ? 11.351  -6.754  -8.046  1.00 60.52  ? 57  LYS A CE  1 
ATOM   433 N NZ  . LYS A 1 57 ? 12.059  -6.168  -9.226  1.00 61.11  ? 57  LYS A NZ  1 
ATOM   434 N N   . GLY A 1 58 ? 9.510   -6.398  -2.834  1.00 44.73  ? 58  GLY A N   1 
ATOM   435 C CA  . GLY A 1 58 ? 10.493  -6.476  -1.774  1.00 48.47  ? 58  GLY A CA  1 
ATOM   436 C C   . GLY A 1 58 ? 9.892   -6.612  -0.386  1.00 49.57  ? 58  GLY A C   1 
ATOM   437 O O   . GLY A 1 58 ? 10.624  -6.906  0.556   1.00 55.82  ? 58  GLY A O   1 
ATOM   438 N N   . ALA A 1 59 ? 8.577   -6.408  -0.251  1.00 44.01  ? 59  ALA A N   1 
ATOM   439 C CA  . ALA A 1 59 ? 7.912   -6.563  1.034   1.00 41.93  ? 59  ALA A CA  1 
ATOM   440 C C   . ALA A 1 59 ? 7.961   -7.986  1.542   1.00 43.91  ? 59  ALA A C   1 
ATOM   441 O O   . ALA A 1 59 ? 7.848   -8.937  0.777   1.00 46.65  ? 59  ALA A O   1 
ATOM   442 C CB  . ALA A 1 59 ? 6.461   -6.109  0.954   1.00 41.57  ? 59  ALA A CB  1 
ATOM   443 N N   . THR A 1 60 ? 8.128   -8.106  2.849   1.00 43.34  ? 60  THR A N   1 
ATOM   444 C CA  . THR A 1 60 ? 7.968   -9.351  3.541   1.00 45.17  ? 60  THR A CA  1 
ATOM   445 C C   . THR A 1 60 ? 6.608   -9.293  4.219   1.00 44.81  ? 60  THR A C   1 
ATOM   446 O O   . THR A 1 60 ? 6.304   -8.366  4.971   1.00 45.45  ? 60  THR A O   1 
ATOM   447 C CB  . THR A 1 60 ? 9.120   -9.566  4.551   1.00 47.33  ? 60  THR A CB  1 
ATOM   448 O OG1 . THR A 1 60 ? 10.388  -9.520  3.866   1.00 49.25  ? 60  THR A OG1 1 
ATOM   449 C CG2 . THR A 1 60 ? 9.081   -10.974 5.070   1.00 50.86  ? 60  THR A CG2 1 
ATOM   450 N N   . ILE A 1 61 ? 5.767   -10.266 3.911   1.00 43.14  ? 61  ILE A N   1 
ATOM   451 C CA  . ILE A 1 61 ? 4.460   -10.347 4.537   1.00 40.42  ? 61  ILE A CA  1 
ATOM   452 C C   . ILE A 1 61 ? 4.362   -11.659 5.264   1.00 40.82  ? 61  ILE A C   1 
ATOM   453 O O   . ILE A 1 61 ? 5.021   -12.642 4.903   1.00 42.87  ? 61  ILE A O   1 
ATOM   454 C CB  . ILE A 1 61 ? 3.324   -10.200 3.486   1.00 41.29  ? 61  ILE A CB  1 
ATOM   455 C CG1 . ILE A 1 61 ? 3.452   -11.251 2.361   1.00 37.48  ? 61  ILE A CG1 1 
ATOM   456 C CG2 . ILE A 1 61 ? 3.297   -8.790  2.917   1.00 41.17  ? 61  ILE A CG2 1 
ATOM   457 C CD1 . ILE A 1 61 ? 2.221   -11.316 1.427   1.00 38.65  ? 61  ILE A CD1 1 
ATOM   458 N N   . LYS A 1 62 ? 3.523   -11.685 6.286   1.00 40.69  ? 62  LYS A N   1 
ATOM   459 C CA  . LYS A 1 62 ? 3.423   -12.841 7.147   1.00 42.29  ? 62  LYS A CA  1 
ATOM   460 C C   . LYS A 1 62 ? 1.952   -13.201 7.202   1.00 40.10  ? 62  LYS A C   1 
ATOM   461 O O   . LYS A 1 62 ? 1.128   -12.408 7.638   1.00 43.73  ? 62  LYS A O   1 
ATOM   462 C CB  . LYS A 1 62 ? 4.013   -12.482 8.523   1.00 44.12  ? 62  LYS A CB  1 
ATOM   463 C CG  . LYS A 1 62 ? 3.744   -13.436 9.667   1.00 56.92  ? 62  LYS A CG  1 
ATOM   464 C CD  . LYS A 1 62 ? 4.842   -13.288 10.749  1.00 60.39  ? 62  LYS A CD  1 
ATOM   465 C CE  . LYS A 1 62 ? 4.256   -13.226 12.162  1.00 70.33  ? 62  LYS A CE  1 
ATOM   466 N NZ  . LYS A 1 62 ? 5.278   -13.437 13.250  1.00 68.88  ? 62  LYS A NZ  1 
ATOM   467 N N   . ILE A 1 63 ? 1.622   -14.391 6.725   1.00 38.02  ? 63  ILE A N   1 
ATOM   468 C CA  . ILE A 1 63 ? 0.242   -14.851 6.748   1.00 37.91  ? 63  ILE A CA  1 
ATOM   469 C C   . ILE A 1 63 ? 0.121   -15.912 7.806   1.00 39.24  ? 63  ILE A C   1 
ATOM   470 O O   . ILE A 1 63 ? 1.007   -16.762 7.936   1.00 41.06  ? 63  ILE A O   1 
ATOM   471 C CB  . ILE A 1 63 ? -0.178  -15.393 5.353   1.00 34.79  ? 63  ILE A CB  1 
ATOM   472 C CG1 . ILE A 1 63 ? -0.286  -14.236 4.353   1.00 41.70  ? 63  ILE A CG1 1 
ATOM   473 C CG2 . ILE A 1 63 ? -1.496  -16.160 5.425   1.00 41.76  ? 63  ILE A CG2 1 
ATOM   474 C CD1 . ILE A 1 63 ? -0.440  -14.676 2.901   1.00 36.68  ? 63  ILE A CD1 1 
ATOM   475 N N   . THR A 1 64 ? -0.967  -15.849 8.578   1.00 39.78  ? 64  THR A N   1 
ATOM   476 C CA  . THR A 1 64 ? -1.294  -16.868 9.562   1.00 39.32  ? 64  THR A CA  1 
ATOM   477 C C   . THR A 1 64 ? -2.687  -17.391 9.354   1.00 43.37  ? 64  THR A C   1 
ATOM   478 O O   . THR A 1 64 ? -3.590  -16.641 9.002   1.00 41.95  ? 64  THR A O   1 
ATOM   479 C CB  . THR A 1 64 ? -1.148  -16.330 11.001  1.00 45.69  ? 64  THR A CB  1 
ATOM   480 O OG1 . THR A 1 64 ? -2.025  -15.211 11.188  1.00 60.42  ? 64  THR A OG1 1 
ATOM   481 C CG2 . THR A 1 64 ? 0.219   -15.714 11.207  1.00 39.52  ? 64  THR A CG2 1 
ATOM   482 N N   . ALA A 1 65 ? -2.853  -18.696 9.565   1.00 44.10  ? 65  ALA A N   1 
ATOM   483 C CA  . ALA A 1 65 ? -4.146  -19.337 9.492   1.00 47.06  ? 65  ALA A CA  1 
ATOM   484 C C   . ALA A 1 65 ? -4.327  -20.260 10.702  1.00 52.32  ? 65  ALA A C   1 
ATOM   485 O O   . ALA A 1 65 ? -3.442  -21.068 11.025  1.00 50.13  ? 65  ALA A O   1 
ATOM   486 C CB  . ALA A 1 65 ? -4.286  -20.098 8.173   1.00 43.48  ? 65  ALA A CB  1 
ATOM   487 N N   . GLU A 1 66 ? -5.467  -20.103 11.379  1.00 50.66  ? 66  GLU A N   1 
ATOM   488 C CA  . GLU A 1 66 ? -5.786  -20.851 12.592  1.00 54.89  ? 66  GLU A CA  1 
ATOM   489 C C   . GLU A 1 66 ? -7.209  -21.341 12.463  1.00 54.58  ? 66  GLU A C   1 
ATOM   490 O O   . GLU A 1 66 ? -8.126  -20.539 12.296  1.00 56.27  ? 66  GLU A O   1 
ATOM   491 C CB  . GLU A 1 66 ? -5.698  -19.952 13.837  1.00 59.30  ? 66  GLU A CB  1 
ATOM   492 C CG  . GLU A 1 66 ? -4.348  -19.293 14.095  1.00 64.73  ? 66  GLU A CG  1 
ATOM   493 C CD  . GLU A 1 66 ? -3.277  -20.286 14.505  1.00 67.42  ? 66  GLU A CD  1 
ATOM   494 O OE1 . GLU A 1 66 ? -3.240  -20.666 15.703  1.00 74.10  ? 66  GLU A OE1 1 
ATOM   495 O OE2 . GLU A 1 66 ? -2.469  -20.683 13.632  1.00 70.00  ? 66  GLU A OE2 1 
ATOM   496 N N   . GLY A 1 67 ? -7.409  -22.649 12.531  1.00 53.84  ? 67  GLY A N   1 
ATOM   497 C CA  . GLY A 1 67 ? -8.750  -23.176 12.366  1.00 49.57  ? 67  GLY A CA  1 
ATOM   498 C C   . GLY A 1 67 ? -8.793  -24.551 11.768  1.00 48.42  ? 67  GLY A C   1 
ATOM   499 O O   . GLY A 1 67 ? -7.753  -25.167 11.507  1.00 50.24  ? 67  GLY A O   1 
ATOM   500 N N   . ALA A 1 68 ? -10.014 -25.023 11.550  1.00 47.87  ? 68  ALA A N   1 
ATOM   501 C CA  . ALA A 1 68 ? -10.272 -26.398 11.156  1.00 46.78  ? 68  ALA A CA  1 
ATOM   502 C C   . ALA A 1 68 ? -9.735  -26.739 9.773   1.00 48.19  ? 68  ALA A C   1 
ATOM   503 O O   . ALA A 1 68 ? -9.424  -27.899 9.496   1.00 49.25  ? 68  ALA A O   1 
ATOM   504 C CB  . ALA A 1 68 ? -11.762 -26.701 11.238  1.00 49.85  ? 68  ALA A CB  1 
ATOM   505 N N   . ASP A 1 69 ? -9.642  -25.746 8.895   1.00 45.59  ? 69  ASP A N   1 
ATOM   506 C CA  . ASP A 1 69 ? -9.115  -26.006 7.561   1.00 44.01  ? 69  ASP A CA  1 
ATOM   507 C C   . ASP A 1 69 ? -7.855  -25.205 7.272   1.00 44.17  ? 69  ASP A C   1 
ATOM   508 O O   . ASP A 1 69 ? -7.649  -24.746 6.153   1.00 44.12  ? 69  ASP A O   1 
ATOM   509 C CB  . ASP A 1 69 ? -10.192 -25.830 6.459   1.00 46.59  ? 69  ASP A CB  1 
ATOM   510 C CG  . ASP A 1 69 ? -10.789 -24.422 6.397   1.00 48.94  ? 69  ASP A CG  1 
ATOM   511 O OD1 . ASP A 1 69 ? -10.261 -23.476 7.017   1.00 45.96  ? 69  ASP A OD1 1 
ATOM   512 O OD2 . ASP A 1 69 ? -11.815 -24.174 5.718   1.00 55.66  ? 69  ASP A OD2 1 
ATOM   513 N N   . ALA A 1 70 ? -7.017  -25.065 8.296   1.00 42.00  ? 70  ALA A N   1 
ATOM   514 C CA  . ALA A 1 70 ? -5.851  -24.199 8.242   1.00 41.80  ? 70  ALA A CA  1 
ATOM   515 C C   . ALA A 1 70 ? -4.828  -24.653 7.210   1.00 38.84  ? 70  ALA A C   1 
ATOM   516 O O   . ALA A 1 70 ? -4.292  -23.833 6.482   1.00 38.40  ? 70  ALA A O   1 
ATOM   517 C CB  . ALA A 1 70 ? -5.197  -24.069 9.620   1.00 43.28  ? 70  ALA A CB  1 
ATOM   518 N N   . ALA A 1 71 ? -4.560  -25.951 7.166   1.00 37.75  ? 71  ALA A N   1 
ATOM   519 C CA  . ALA A 1 71 ? -3.665  -26.519 6.172   1.00 38.73  ? 71  ALA A CA  1 
ATOM   520 C C   . ALA A 1 71 ? -4.171  -26.295 4.757   1.00 40.97  ? 71  ALA A C   1 
ATOM   521 O O   . ALA A 1 71 ? -3.377  -26.031 3.858   1.00 38.29  ? 71  ALA A O   1 
ATOM   522 C CB  . ALA A 1 71 ? -3.456  -28.001 6.424   1.00 40.36  ? 71  ALA A CB  1 
ATOM   523 N N   . GLU A 1 72 ? -5.482  -26.396 4.554   1.00 37.92  ? 72  GLU A N   1 
ATOM   524 C CA  . GLU A 1 72 ? -6.052  -26.214 3.223   1.00 36.87  ? 72  GLU A CA  1 
ATOM   525 C C   . GLU A 1 72 ? -5.932  -24.733 2.868   1.00 33.09  ? 72  GLU A C   1 
ATOM   526 O O   . GLU A 1 72 ? -5.537  -24.374 1.761   1.00 39.52  ? 72  GLU A O   1 
ATOM   527 C CB  . GLU A 1 72 ? -7.518  -26.677 3.186   1.00 42.81  ? 72  GLU A CB  1 
ATOM   528 C CG  . GLU A 1 72 ? -7.725  -28.185 3.209   1.00 44.43  ? 72  GLU A CG  1 
ATOM   529 C CD  . GLU A 1 72 ? -9.188  -28.576 3.354   1.00 50.25  ? 72  GLU A CD  1 
ATOM   530 O OE1 . GLU A 1 72 ? -9.706  -28.591 4.493   1.00 46.35  ? 72  GLU A OE1 1 
ATOM   531 O OE2 . GLU A 1 72 ? -9.822  -28.873 2.320   1.00 48.24  ? 72  GLU A OE2 1 
ATOM   532 N N   . ALA A 1 73 ? -6.250  -23.884 3.838   1.00 37.89  ? 73  ALA A N   1 
ATOM   533 C CA  . ALA A 1 73 ? -6.064  -22.446 3.732   1.00 35.27  ? 73  ALA A CA  1 
ATOM   534 C C   . ALA A 1 73 ? -4.649  -22.038 3.318   1.00 35.88  ? 73  ALA A C   1 
ATOM   535 O O   . ALA A 1 73 ? -4.510  -21.324 2.344   1.00 35.76  ? 73  ALA A O   1 
ATOM   536 C CB  . ALA A 1 73 ? -6.442  -21.767 5.036   1.00 36.82  ? 73  ALA A CB  1 
ATOM   537 N N   . MET A 1 74 ? -3.617  -22.458 4.060   1.00 34.64  ? 74  MET A N   1 
ATOM   538 C CA  . MET A 1 74 ? -2.229  -22.041 3.769   1.00 37.25  ? 74  MET A CA  1 
ATOM   539 C C   . MET A 1 74 ? -1.815  -22.500 2.388   1.00 32.64  ? 74  MET A C   1 
ATOM   540 O O   . MET A 1 74 ? -1.158  -21.773 1.677   1.00 39.04  ? 74  MET A O   1 
ATOM   541 C CB  . MET A 1 74 ? -1.218  -22.646 4.755   1.00 36.46  ? 74  MET A CB  1 
ATOM   542 C CG  . MET A 1 74 ? -1.121  -22.008 6.095   1.00 47.27  ? 74  MET A CG  1 
ATOM   543 S SD  . MET A 1 74 ? -0.424  -20.322 6.146   1.00 60.50  ? 74  MET A SD  1 
ATOM   544 C CE  . MET A 1 74 ? 0.391   -20.079 4.624   1.00 39.37  ? 74  MET A CE  1 
ATOM   545 N N   . ALA A 1 75 ? -2.191  -23.717 2.021   1.00 33.79  ? 75  ALA A N   1 
ATOM   546 C CA  . ALA A 1 75 ? -1.848  -24.270 0.705   1.00 34.85  ? 75  ALA A CA  1 
ATOM   547 C C   . ALA A 1 75 ? -2.515  -23.493 -0.442  1.00 36.65  ? 75  ALA A C   1 
ATOM   548 O O   . ALA A 1 75 ? -1.881  -23.263 -1.479  1.00 35.71  ? 75  ALA A O   1 
ATOM   549 C CB  . ALA A 1 75 ? -2.243  -25.723 0.630   1.00 32.08  ? 75  ALA A CB  1 
ATOM   550 N N   . ALA A 1 76 ? -3.782  -23.104 -0.260  1.00 36.09  ? 76  ALA A N   1 
ATOM   551 C CA  . ALA A 1 76 ? -4.501  -22.313 -1.277  1.00 36.63  ? 76  ALA A CA  1 
ATOM   552 C C   . ALA A 1 76 ? -3.836  -20.958 -1.431  1.00 34.14  ? 76  ALA A C   1 
ATOM   553 O O   . ALA A 1 76 ? -3.570  -20.511 -2.535  1.00 35.11  ? 76  ALA A O   1 
ATOM   554 C CB  . ALA A 1 76 ? -5.973  -22.135 -0.917  1.00 34.31  ? 76  ALA A CB  1 
ATOM   555 N N   . LEU A 1 77 ? -3.534  -20.334 -0.303  1.00 37.15  ? 77  LEU A N   1 
ATOM   556 C CA  . LEU A 1 77 ? -2.951  -19.005 -0.320  1.00 35.47  ? 77  LEU A CA  1 
ATOM   557 C C   . LEU A 1 77 ? -1.551  -19.054 -0.904  1.00 33.89  ? 77  LEU A C   1 
ATOM   558 O O   . LEU A 1 77 ? -1.196  -18.205 -1.722  1.00 30.13  ? 77  LEU A O   1 
ATOM   559 C CB  . LEU A 1 77 ? -2.971  -18.392 1.077   1.00 32.87  ? 77  LEU A CB  1 
ATOM   560 C CG  . LEU A 1 77 ? -4.384  -18.078 1.599   1.00 37.80  ? 77  LEU A CG  1 
ATOM   561 C CD1 . LEU A 1 77 ? -4.279  -17.860 3.097   1.00 37.41  ? 77  LEU A CD1 1 
ATOM   562 C CD2 . LEU A 1 77 ? -5.006  -16.852 0.925   1.00 35.65  ? 77  LEU A CD2 1 
ATOM   563 N N   . THR A 1 78 ? -0.756  -20.048 -0.513  1.00 35.59  ? 78  THR A N   1 
ATOM   564 C CA  . THR A 1 78 ? 0.560   -20.232 -1.147  1.00 32.98  ? 78  THR A CA  1 
ATOM   565 C C   . THR A 1 78 ? 0.389   -20.397 -2.663  1.00 33.61  ? 78  THR A C   1 
ATOM   566 O O   . THR A 1 78 ? 1.094   -19.745 -3.453  1.00 37.96  ? 78  THR A O   1 
ATOM   567 C CB  . THR A 1 78 ? 1.280   -21.451 -0.554  1.00 34.17  ? 78  THR A CB  1 
ATOM   568 O OG1 . THR A 1 78 ? 1.514   -21.233 0.836   1.00 33.32  ? 78  THR A OG1 1 
ATOM   569 C CG2 . THR A 1 78 ? 2.713   -21.614 -1.144  1.00 35.29  ? 78  THR A CG2 1 
ATOM   570 N N   . ASP A 1 79 ? -0.550  -21.253 -3.086  1.00 36.28  ? 79  ASP A N   1 
ATOM   571 C CA  . ASP A 1 79 ? -0.741  -21.499 -4.527  1.00 36.56  ? 79  ASP A CA  1 
ATOM   572 C C   . ASP A 1 79 ? -1.161  -20.247 -5.313  1.00 36.93  ? 79  ASP A C   1 
ATOM   573 O O   . ASP A 1 79 ? -0.668  -20.001 -6.415  1.00 34.39  ? 79  ASP A O   1 
ATOM   574 C CB  . ASP A 1 79 ? -1.692  -22.671 -4.777  1.00 43.83  ? 79  ASP A CB  1 
ATOM   575 C CG  . ASP A 1 79 ? -1.040  -24.017 -4.506  1.00 52.82  ? 79  ASP A CG  1 
ATOM   576 O OD1 . ASP A 1 79 ? 0.209   -24.069 -4.354  1.00 62.57  ? 79  ASP A OD1 1 
ATOM   577 O OD2 . ASP A 1 79 ? -1.697  -25.079 -4.410  1.00 60.57  ? 79  ASP A OD2 1 
ATOM   578 N N   . THR A 1 80 ? -2.041  -19.438 -4.723  1.00 35.88  ? 80  THR A N   1 
ATOM   579 C CA  . THR A 1 80 ? -2.444  -18.166 -5.331  1.00 38.31  ? 80  THR A CA  1 
ATOM   580 C C   . THR A 1 80 ? -1.323  -17.157 -5.474  1.00 35.85  ? 80  THR A C   1 
ATOM   581 O O   . THR A 1 80 ? -1.188  -16.540 -6.536  1.00 35.50  ? 80  THR A O   1 
ATOM   582 C CB  . THR A 1 80 ? -3.626  -17.558 -4.575  1.00 37.55  ? 80  THR A CB  1 
ATOM   583 O OG1 . THR A 1 80 ? -4.725  -18.463 -4.665  1.00 34.78  ? 80  THR A OG1 1 
ATOM   584 C CG2 . THR A 1 80 ? -4.126  -16.317 -5.281  1.00 36.82  ? 80  THR A CG2 1 
ATOM   585 N N   . LEU A 1 81 ? -0.505  -17.002 -4.429  1.00 35.41  ? 81  LEU A N   1 
ATOM   586 C CA  . LEU A 1 81 ? 0.620   -16.069 -4.473  1.00 34.37  ? 81  LEU A CA  1 
ATOM   587 C C   . LEU A 1 81 ? 1.669   -16.436 -5.537  1.00 34.81  ? 81  LEU A C   1 
ATOM   588 O O   . LEU A 1 81 ? 2.235   -15.563 -6.180  1.00 34.11  ? 81  LEU A O   1 
ATOM   589 C CB  . LEU A 1 81 ? 1.256   -15.936 -3.078  1.00 39.14  ? 81  LEU A CB  1 
ATOM   590 C CG  . LEU A 1 81 ? 0.425   -15.186 -2.020  1.00 35.56  ? 81  LEU A CG  1 
ATOM   591 C CD1 . LEU A 1 81 ? 0.931   -15.435 -0.596  1.00 33.68  ? 81  LEU A CD1 1 
ATOM   592 C CD2 . LEU A 1 81 ? 0.308   -13.688 -2.312  1.00 33.93  ? 81  LEU A CD2 1 
ATOM   593 N N   . ALA A 1 82 ? 1.903   -17.730 -5.731  1.00 35.03  ? 82  ALA A N   1 
ATOM   594 C CA  . ALA A 1 82 ? 2.816   -18.219 -6.763  1.00 34.76  ? 82  ALA A CA  1 
ATOM   595 C C   . ALA A 1 82 ? 2.195   -18.220 -8.187  1.00 34.82  ? 82  ALA A C   1 
ATOM   596 O O   . ALA A 1 82 ? 2.819   -17.733 -9.126  1.00 36.63  ? 82  ALA A O   1 
ATOM   597 C CB  . ALA A 1 82 ? 3.314   -19.587 -6.394  1.00 34.28  ? 82  ALA A CB  1 
ATOM   598 N N   . LYS A 1 83 ? 0.978   -18.747 -8.335  1.00 34.53  ? 83  LYS A N   1 
ATOM   599 C CA  . LYS A 1 83 ? 0.220   -18.707 -9.604  1.00 33.90  ? 83  LYS A CA  1 
ATOM   600 C C   . LYS A 1 83 ? 0.161   -17.320 -10.215 1.00 38.29  ? 83  LYS A C   1 
ATOM   601 O O   . LYS A 1 83 ? 0.381   -17.131 -11.412 1.00 41.52  ? 83  LYS A O   1 
ATOM   602 C CB  . LYS A 1 83 ? -1.236  -19.131 -9.369  1.00 38.52  ? 83  LYS A CB  1 
ATOM   603 C CG  . LYS A 1 83 ? -1.629  -20.454 -9.985  1.00 49.64  ? 83  LYS A CG  1 
ATOM   604 C CD  A LYS A 1 83 ? -3.143  -20.552 -10.202 0.65 47.87  ? 83  LYS A CD  1 
ATOM   605 C CD  B LYS A 1 83 ? -3.087  -20.787 -9.663  0.35 46.77  ? 83  LYS A CD  1 
ATOM   606 C CE  A LYS A 1 83 ? -3.746  -21.903 -9.745  0.65 46.17  ? 83  LYS A CE  1 
ATOM   607 C CE  B LYS A 1 83 ? -3.837  -21.347 -10.870 0.35 50.58  ? 83  LYS A CE  1 
ATOM   608 N NZ  A LYS A 1 83 ? -2.841  -22.885 -9.052  0.65 48.29  ? 83  LYS A NZ  1 
ATOM   609 N NZ  B LYS A 1 83 ? -4.286  -20.301 -11.824 0.35 43.87  ? 83  LYS A NZ  1 
ATOM   610 N N   . GLU A 1 84 ? -0.169  -16.348 -9.383  1.00 37.22  ? 84  GLU A N   1 
ATOM   611 C CA  . GLU A 1 84 ? -0.349  -14.982 -9.836  1.00 38.49  ? 84  GLU A CA  1 
ATOM   612 C C   . GLU A 1 84 ? 0.975   -14.246 -9.904  1.00 37.69  ? 84  GLU A C   1 
ATOM   613 O O   . GLU A 1 84 ? 0.992   -13.062 -10.199 1.00 40.40  ? 84  GLU A O   1 
ATOM   614 C CB  . GLU A 1 84 ? -1.316  -14.252 -8.916  1.00 34.88  ? 84  GLU A CB  1 
ATOM   615 C CG  . GLU A 1 84 ? -2.709  -14.881 -8.867  1.00 42.37  ? 84  GLU A CG  1 
ATOM   616 C CD  . GLU A 1 84 ? -3.486  -14.736 -10.182 1.00 50.95  ? 84  GLU A CD  1 
ATOM   617 O OE1 . GLU A 1 84 ? -3.259  -13.743 -10.928 1.00 47.00  ? 84  GLU A OE1 1 
ATOM   618 O OE2 . GLU A 1 84 ? -4.330  -15.627 -10.469 1.00 48.76  ? 84  GLU A OE2 1 
ATOM   619 N N   . GLY A 1 85 ? 2.078   -14.947 -9.653  1.00 37.34  ? 85  GLY A N   1 
ATOM   620 C CA  . GLY A 1 85 ? 3.403   -14.331 -9.707  1.00 39.64  ? 85  GLY A CA  1 
ATOM   621 C C   . GLY A 1 85 ? 3.594   -13.171 -8.737  1.00 38.63  ? 85  GLY A C   1 
ATOM   622 O O   . GLY A 1 85 ? 4.324   -12.230 -9.035  1.00 39.13  ? 85  GLY A O   1 
ATOM   623 N N   . LEU A 1 86 ? 2.962   -13.262 -7.564  1.00 37.91  ? 86  LEU A N   1 
ATOM   624 C CA  . LEU A 1 86 ? 2.946   -12.181 -6.566  1.00 37.63  ? 86  LEU A CA  1 
ATOM   625 C C   . LEU A 1 86 ? 4.022   -12.312 -5.490  1.00 34.66  ? 86  LEU A C   1 
ATOM   626 O O   . LEU A 1 86 ? 4.767   -11.367 -5.248  1.00 40.67  ? 86  LEU A O   1 
ATOM   627 C CB  . LEU A 1 86 ? 1.584   -12.113 -5.859  1.00 36.57  ? 86  LEU A CB  1 
ATOM   628 C CG  . LEU A 1 86 ? 0.352   -11.388 -6.422  1.00 42.84  ? 86  LEU A CG  1 
ATOM   629 C CD1 . LEU A 1 86 ? 0.357   -11.159 -7.923  1.00 44.99  ? 86  LEU A CD1 1 
ATOM   630 C CD2 . LEU A 1 86 ? -0.939  -12.099 -5.980  1.00 34.72  ? 86  LEU A CD2 1 
ATOM   631 N N   . ALA A 1 87 ? 4.096   -13.469 -4.839  1.00 33.26  ? 87  ALA A N   1 
ATOM   632 C CA  . ALA A 1 87 ? 4.949   -13.635 -3.655  1.00 37.85  ? 87  ALA A CA  1 
ATOM   633 C C   . ALA A 1 87 ? 5.382   -15.098 -3.463  1.00 36.89  ? 87  ALA A C   1 
ATOM   634 O O   . ALA A 1 87 ? 4.653   -16.007 -3.847  1.00 32.97  ? 87  ALA A O   1 
ATOM   635 C CB  . ALA A 1 87 ? 4.176   -13.140 -2.392  1.00 38.89  ? 87  ALA A CB  1 
ATOM   636 N N   . GLU A 1 88 ? 6.512   -15.324 -2.785  1.00 38.90  ? 88  GLU A N   1 
ATOM   637 C CA  . GLU A 1 88 ? 7.054   -16.680 -2.637  1.00 44.37  ? 88  GLU A CA  1 
ATOM   638 C C   . GLU A 1 88 ? 7.805   -16.940 -1.312  1.00 47.60  ? 88  GLU A C   1 
ATOM   639 O O   . GLU A 1 88 ? 7.916   -18.072 -0.804  1.00 47.95  ? 88  GLU A O   1 
ATOM   640 C CB  . GLU A 1 88 ? 7.991   -16.981 -3.813  1.00 44.25  ? 88  GLU A CB  1 
ATOM   641 C CG  . GLU A 1 88 ? 9.106   -15.952 -3.949  1.00 44.37  ? 88  GLU A CG  1 
ATOM   642 C CD  . GLU A 1 88 ? 9.848   -16.052 -5.257  1.00 51.86  ? 88  GLU A CD  1 
ATOM   643 O OE1 . GLU A 1 88 ? 11.027  -15.604 -5.310  1.00 55.04  ? 88  GLU A OE1 1 
ATOM   644 O OE2 . GLU A 1 88 ? 9.251   -16.577 -6.220  1.00 46.16  ? 88  GLU A OE2 1 
ATOM   645 O OXT . GLU A 1 88 ? 8.354   -16.029 -0.695  1.00 43.58  ? 88  GLU A OXT 1 
HETATM 646 S S   . SO4 B 2 .  ? 14.832  15.405  -4.738  1.00 110.20 ? 403 SO4 A S   1 
HETATM 647 O O1  . SO4 B 2 .  ? 15.177  16.741  -4.257  1.00 110.72 ? 403 SO4 A O1  1 
HETATM 648 O O2  . SO4 B 2 .  ? 14.771  14.507  -3.589  1.00 107.78 ? 403 SO4 A O2  1 
HETATM 649 O O3  . SO4 B 2 .  ? 13.549  15.466  -5.431  1.00 108.25 ? 403 SO4 A O3  1 
HETATM 650 O O4  . SO4 B 2 .  ? 15.837  14.915  -5.682  1.00 109.63 ? 403 SO4 A O4  1 
HETATM 651 S S   . SO4 C 2 .  ? -10.088 8.145   18.355  1.00 102.86 ? 404 SO4 A S   1 
HETATM 652 O O1  . SO4 C 2 .  ? -10.816 9.285   18.904  1.00 97.09  ? 404 SO4 A O1  1 
HETATM 653 O O2  . SO4 C 2 .  ? -11.047 7.082   18.068  1.00 98.34  ? 404 SO4 A O2  1 
HETATM 654 O O3  . SO4 C 2 .  ? -9.354  8.509   17.141  1.00 98.98  ? 404 SO4 A O3  1 
HETATM 655 O O4  . SO4 C 2 .  ? -9.122  7.673   19.344  1.00 103.26 ? 404 SO4 A O4  1 
HETATM 656 S S   . SO4 D 2 .  ? -0.974  5.455   12.842  1.00 112.10 ? 405 SO4 A S   1 
HETATM 657 O O1  . SO4 D 2 .  ? -0.358  4.415   13.664  1.00 111.84 ? 405 SO4 A O1  1 
HETATM 658 O O2  . SO4 D 2 .  ? -0.887  6.751   13.523  1.00 111.31 ? 405 SO4 A O2  1 
HETATM 659 O O3  . SO4 D 2 .  ? -0.263  5.515   11.561  1.00 112.53 ? 405 SO4 A O3  1 
HETATM 660 O O4  . SO4 D 2 .  ? -2.384  5.125   12.630  1.00 112.16 ? 405 SO4 A O4  1 
HETATM 661 O O   . HOH E 3 .  ? 18.195  18.430  -3.954  1.00 57.22  ? 406 HOH A O   1 
HETATM 662 O O   . HOH E 3 .  ? 13.267  18.921  2.179   1.00 56.43  ? 407 HOH A O   1 
HETATM 663 O O   . HOH E 3 .  ? 14.439  -10.805 3.082   1.00 53.44  ? 408 HOH A O   1 
HETATM 664 O O   . HOH E 3 .  ? 18.892  6.541   4.076   1.00 60.52  ? 409 HOH A O   1 
HETATM 665 O O   . HOH E 3 .  ? 13.528  5.073   6.433   1.00 51.18  ? 410 HOH A O   1 
HETATM 666 O O   . HOH E 3 .  ? 6.245   -1.189  13.249  1.00 54.71  ? 411 HOH A O   1 
HETATM 667 O O   . HOH E 3 .  ? 0.684   2.468   15.434  1.00 60.70  ? 412 HOH A O   1 
HETATM 668 O O   . HOH E 3 .  ? 0.805   5.028   -15.687 1.00 68.14  ? 413 HOH A O   1 
HETATM 669 O O   . HOH E 3 .  ? -9.269  -21.807 16.926  1.00 56.59  ? 414 HOH A O   1 
HETATM 670 O O   . HOH E 3 .  ? -2.563  14.225  15.026  1.00 73.35  ? 415 HOH A O   1 
HETATM 671 O O   . HOH E 3 .  ? -5.479  12.580  12.883  1.00 58.11  ? 416 HOH A O   1 
HETATM 672 O O   . HOH E 3 .  ? -8.905  8.870   8.257   1.00 38.69  ? 417 HOH A O   1 
HETATM 673 O O   . HOH E 3 .  ? 12.486  -2.964  5.264   1.00 55.60  ? 418 HOH A O   1 
HETATM 674 O O   . HOH E 3 .  ? -3.885  8.021   17.070  1.00 78.68  ? 419 HOH A O   1 
HETATM 675 O O   . HOH E 3 .  ? -7.574  19.493  6.978   0.50 45.61  ? 420 HOH A O   1 
HETATM 676 O O   . HOH E 3 .  ? -8.681  21.743  -4.322  1.00 62.07  ? 421 HOH A O   1 
HETATM 677 O O   . HOH E 3 .  ? -4.167  30.823  -5.886  1.00 53.64  ? 422 HOH A O   1 
HETATM 678 O O   . HOH E 3 .  ? -12.797 -28.977 14.824  1.00 57.38  ? 423 HOH A O   1 
HETATM 679 O O   . HOH E 3 .  ? 10.343  -20.727 2.594   1.00 54.11  ? 424 HOH A O   1 
HETATM 680 O O   . HOH E 3 .  ? -3.657  14.192  -10.063 1.00 48.76  ? 425 HOH A O   1 
HETATM 681 O O   . HOH E 3 .  ? 7.024   9.973   -13.840 1.00 69.02  ? 426 HOH A O   1 
HETATM 682 O O   . HOH E 3 .  ? 8.757   0.493   -0.899  1.00 48.89  ? 427 HOH A O   1 
HETATM 683 O O   . HOH E 3 .  ? 7.335   -1.950  -6.182  1.00 51.50  ? 428 HOH A O   1 
HETATM 684 O O   . HOH E 3 .  ? 0.067   5.701   -13.261 1.00 60.96  ? 429 HOH A O   1 
HETATM 685 O O   . HOH E 3 .  ? -4.614  16.899  -7.767  1.00 54.39  ? 430 HOH A O   1 
HETATM 686 O O   . HOH E 3 .  ? -5.764  8.802   -8.411  1.00 47.74  ? 431 HOH A O   1 
HETATM 687 O O   . HOH E 3 .  ? -8.966  4.251   12.308  1.00 70.64  ? 432 HOH A O   1 
HETATM 688 O O   . HOH E 3 .  ? -8.680  4.247   -5.767  0.50 59.47  ? 433 HOH A O   1 
HETATM 689 O O   . HOH E 3 .  ? 5.888   -8.373  8.344   1.00 50.40  ? 434 HOH A O   1 
HETATM 690 O O   . HOH E 3 .  ? 10.805  2.591   -2.414  1.00 43.34  ? 435 HOH A O   1 
HETATM 691 O O   . HOH E 3 .  ? 15.466  8.476   -1.581  1.00 57.97  ? 436 HOH A O   1 
HETATM 692 O O   . HOH E 3 .  ? 11.764  -9.081  7.156   1.00 61.68  ? 437 HOH A O   1 
HETATM 693 O O   . HOH E 3 .  ? -4.612  -15.996 12.172  1.00 56.71  ? 438 HOH A O   1 
HETATM 694 O O   . HOH E 3 .  ? 0.191   8.589   16.097  1.00 52.34  ? 439 HOH A O   1 
HETATM 695 O O   . HOH E 3 .  ? 12.152  -23.696 -0.253  1.00 61.96  ? 440 HOH A O   1 
HETATM 696 O O   . HOH E 3 .  ? -12.496 -31.945 8.695   1.00 62.90  ? 441 HOH A O   1 
HETATM 697 O O   . HOH E 3 .  ? -12.361 -31.250 2.969   1.00 75.14  ? 442 HOH A O   1 
HETATM 698 O O   . HOH E 3 .  ? -5.601  -26.109 -1.032  1.00 44.86  ? 443 HOH A O   1 
HETATM 699 O O   . HOH E 3 .  ? -5.565  -21.379 -4.591  1.00 41.56  ? 444 HOH A O   1 
HETATM 700 O O   . HOH E 3 .  ? -3.820  -25.877 -2.980  1.00 50.62  ? 445 HOH A O   1 
HETATM 701 O O   . HOH E 3 .  ? 1.675   -15.950 -13.456 1.00 51.01  ? 446 HOH A O   1 
HETATM 702 O O   . HOH E 3 .  ? -6.028  -17.714 -8.376  1.00 57.27  ? 447 HOH A O   1 
HETATM 703 O O   . HOH E 3 .  ? 3.729   -18.641 -3.032  1.00 37.24  ? 448 HOH A O   1 
HETATM 704 O O   . HOH E 3 .  ? 10.313  -15.941 0.923   1.00 47.76  ? 449 HOH A O   1 
HETATM 705 O O   . HOH E 3 .  ? 11.271  -18.795 -0.791  1.00 45.23  ? 450 HOH A O   1 
HETATM 706 O O   . HOH E 3 .  ? 7.016   6.971   14.729  1.00 56.35  ? 451 HOH A O   1 
HETATM 707 O O   . HOH E 3 .  ? 0.916   3.317   19.014  1.00 68.21  ? 452 HOH A O   1 
HETATM 708 O O   . HOH E 3 .  ? -7.494  2.178   15.656  1.00 62.35  ? 453 HOH A O   1 
HETATM 709 O O   . HOH E 3 .  ? -2.637  1.693   16.739  1.00 73.70  ? 454 HOH A O   1 
HETATM 710 O O   . HOH E 3 .  ? -7.508  -0.815  18.787  1.00 70.51  ? 455 HOH A O   1 
HETATM 711 O O   . HOH E 3 .  ? -5.072  15.479  13.612  1.00 65.62  ? 456 HOH A O   1 
HETATM 712 O O   . HOH E 3 .  ? -1.238  22.831  7.786   1.00 70.80  ? 457 HOH A O   1 
HETATM 713 O O   . HOH E 3 .  ? -3.246  19.408  8.006   1.00 53.90  ? 458 HOH A O   1 
HETATM 714 O O   . HOH E 3 .  ? -3.783  34.108  3.693   1.00 55.72  ? 459 HOH A O   1 
HETATM 715 O O   . HOH E 3 .  ? -0.373  39.707  -1.495  1.00 68.59  ? 460 HOH A O   1 
HETATM 716 O O   . HOH E 3 .  ? -10.095 31.136  2.621   1.00 63.74  ? 461 HOH A O   1 
HETATM 717 O O   . HOH E 3 .  ? -1.311  2.811   0.281   1.00 51.84  ? 462 HOH A O   1 
HETATM 718 O O   . HOH E 3 .  ? 1.326   1.577   -0.012  1.00 41.73  ? 463 HOH A O   1 
HETATM 719 O O   . HOH E 3 .  ? 7.418   3.321   -8.505  1.00 67.94  ? 464 HOH A O   1 
HETATM 720 O O   . HOH E 3 .  ? 14.220  -7.716  16.046  0.50 45.34  ? 465 HOH A O   1 
HETATM 721 O O   . HOH E 3 .  ? 14.037  -8.053  13.388  1.00 71.95  ? 466 HOH A O   1 
HETATM 722 O O   . HOH E 3 .  ? 11.321  -10.316 24.918  1.00 53.28  ? 467 HOH A O   1 
HETATM 723 O O   . HOH E 3 .  ? -0.276  -12.262 -16.205 1.00 53.94  ? 468 HOH A O   1 
HETATM 724 O O   . HOH E 3 .  ? -8.761  11.422  3.941   0.50 60.51  ? 469 HOH A O   1 
HETATM 725 O O   . HOH E 3 .  ? -7.656  26.870  3.167   1.00 57.96  ? 470 HOH A O   1 
HETATM 726 O O   . HOH E 3 .  ? -0.149  -12.960 10.345  1.00 52.42  ? 471 HOH A O   1 
HETATM 727 O O   . HOH E 3 .  ? 0.550   -25.241 -1.768  1.00 44.27  ? 472 HOH A O   1 
HETATM 728 O O   . HOH E 3 .  ? -5.216  -24.113 -4.615  1.00 51.78  ? 473 HOH A O   1 
HETATM 729 O O   . HOH E 3 .  ? -5.752  -20.358 -7.607  1.00 59.51  ? 474 HOH A O   1 
HETATM 730 O O   . HOH E 3 .  ? -2.265  -26.370 -7.703  1.00 54.69  ? 475 HOH A O   1 
HETATM 731 O O   . HOH E 3 .  ? 17.899  13.417  -7.482  1.00 47.14  ? 476 HOH A O   1 
HETATM 732 O O   . HOH E 3 .  ? -11.237 9.671   -3.324  1.00 41.32  ? 477 HOH A O   1 
HETATM 733 O O   . HOH E 3 .  ? -4.642  3.502   11.114  1.00 48.94  ? 478 HOH A O   1 
# 
